data_2HCB
#
_entry.id   2HCB
#
_cell.length_a   99.076
_cell.length_b   117.714
_cell.length_c   200.994
_cell.angle_alpha   90.00
_cell.angle_beta   90.00
_cell.angle_gamma   90.00
#
_symmetry.space_group_name_H-M   'P 21 21 21'
#
loop_
_entity.id
_entity.type
_entity.pdbx_description
1 polymer 'Chromosomal replication initiator protein dnaA'
2 non-polymer 'MAGNESIUM ION'
3 non-polymer 'PHOSPHOMETHYLPHOSPHONIC ACID ADENYLATE ESTER'
#
_entity_poly.entity_id   1
_entity_poly.type   'polypeptide(L)'
_entity_poly.pdbx_seq_one_letter_code
;DFLNPKYTLENFIVGEGNRLAYEVVKEALENLGSLYNPIFIYGSVGTGKTHLLQAAGNEAKKRGYRVIYSSADDFAQAMV
EHLKKGTINEFRNMYKSVDLLLLDDVQFLSGKERTQIEFFHIFNTLYLLEKQIILASDRHPQKLDGVSDRLVSRFEGGIL
VEIELDNKTRFKIIKEKLKEFNLELRKEVIDYLLENTKNVREIEGKIKLIKLKGFEGLERKERKERDKLMQIVEFVANYY
AVKVEDILSDKRNKRTSEARKIAMYLCRKVCSASLIEIARAFKRKDHTTVIHAIRSVEEEKKKDRKFKHLVGFLEKQAFD
KIC
;
_entity_poly.pdbx_strand_id   A,B,C,D
#
# COMPACT_ATOMS: atom_id res chain seq x y z
N ASP A 1 -17.50 5.12 35.44
CA ASP A 1 -17.75 6.59 35.50
C ASP A 1 -16.48 7.37 35.25
N PHE A 2 -16.59 8.40 34.44
CA PHE A 2 -15.58 9.45 34.36
C PHE A 2 -16.29 10.75 34.09
N LEU A 3 -17.62 10.67 34.01
CA LEU A 3 -18.49 11.84 33.97
C LEU A 3 -18.82 12.29 35.38
N ASN A 4 -18.73 13.58 35.61
CA ASN A 4 -19.20 14.18 36.85
C ASN A 4 -20.67 14.54 36.70
N PRO A 5 -21.50 14.17 37.69
CA PRO A 5 -22.93 14.43 37.59
C PRO A 5 -23.29 15.89 37.83
N LYS A 6 -22.35 16.69 38.34
CA LYS A 6 -22.65 18.08 38.69
C LYS A 6 -22.68 19.04 37.50
N TYR A 7 -22.77 18.48 36.31
CA TYR A 7 -22.93 19.30 35.13
C TYR A 7 -24.24 18.96 34.38
N THR A 8 -25.25 19.85 34.28
CA THR A 8 -26.47 19.42 33.55
C THR A 8 -27.21 20.51 32.74
N LEU A 9 -27.78 20.06 31.62
CA LEU A 9 -28.62 20.84 30.69
C LEU A 9 -29.21 22.10 31.35
N GLU A 10 -30.09 21.89 32.35
CA GLU A 10 -30.67 22.97 33.17
C GLU A 10 -29.52 23.82 33.72
N ASN A 11 -28.72 23.15 34.54
CA ASN A 11 -27.50 23.66 35.18
C ASN A 11 -26.66 24.65 34.38
N PHE A 12 -26.60 24.48 33.08
CA PHE A 12 -25.84 25.34 32.16
C PHE A 12 -26.67 26.58 31.83
N ILE A 13 -26.09 27.77 31.82
CA ILE A 13 -26.84 29.01 31.53
C ILE A 13 -26.82 29.30 30.02
N VAL A 14 -27.92 29.83 29.49
CA VAL A 14 -28.01 30.06 28.03
C VAL A 14 -28.24 31.52 27.65
N GLY A 15 -27.39 32.03 26.77
CA GLY A 15 -27.57 33.37 26.21
C GLY A 15 -27.25 33.34 24.73
N GLU A 16 -27.55 34.42 24.00
CA GLU A 16 -27.39 34.37 22.54
C GLU A 16 -25.94 34.06 22.09
N GLY A 17 -25.06 33.81 23.07
CA GLY A 17 -23.65 33.51 22.79
C GLY A 17 -23.25 32.04 22.90
N ASN A 18 -24.13 31.25 23.49
CA ASN A 18 -24.00 29.80 23.52
C ASN A 18 -25.37 29.13 23.41
N ARG A 19 -26.32 29.81 22.79
CA ARG A 19 -27.65 29.25 22.66
C ARG A 19 -27.65 28.10 21.66
N LEU A 20 -27.02 28.33 20.51
CA LEU A 20 -27.07 27.38 19.40
C LEU A 20 -26.41 26.06 19.79
N ALA A 21 -25.22 26.14 20.35
CA ALA A 21 -24.53 24.97 20.85
C ALA A 21 -25.39 24.24 21.88
N TYR A 22 -26.00 24.99 22.79
CA TYR A 22 -26.88 24.43 23.78
C TYR A 22 -27.94 23.58 23.09
N GLU A 23 -28.70 24.21 22.18
CA GLU A 23 -29.84 23.55 21.56
C GLU A 23 -29.46 22.45 20.57
N VAL A 24 -28.33 22.58 19.89
CA VAL A 24 -27.86 21.47 19.07
C VAL A 24 -27.65 20.26 19.99
N VAL A 25 -26.97 20.48 21.11
CA VAL A 25 -26.70 19.41 22.08
C VAL A 25 -27.98 18.82 22.71
N LYS A 26 -28.95 19.69 22.97
CA LYS A 26 -30.21 19.30 23.59
C LYS A 26 -31.13 18.71 22.55
N GLU A 27 -31.25 19.40 21.41
CA GLU A 27 -32.18 19.01 20.35
C GLU A 27 -31.77 17.69 19.74
N ALA A 28 -30.49 17.33 19.89
CA ALA A 28 -29.95 16.11 19.30
C ALA A 28 -29.88 14.93 20.28
N LEU A 29 -29.88 15.24 21.56
CA LEU A 29 -29.77 14.23 22.60
C LEU A 29 -31.07 13.45 22.67
N GLU A 30 -32.00 13.78 21.77
CA GLU A 30 -33.28 13.09 21.68
C GLU A 30 -33.15 11.87 20.77
N ASN A 31 -33.14 12.12 19.46
CA ASN A 31 -32.78 11.09 18.51
C ASN A 31 -31.26 11.00 18.44
N LEU A 32 -30.71 10.16 19.30
CA LEU A 32 -29.27 10.05 19.48
C LEU A 32 -28.61 9.46 18.23
N GLY A 33 -27.82 10.29 17.55
CA GLY A 33 -27.06 9.86 16.37
C GLY A 33 -27.85 9.80 15.07
N SER A 34 -29.16 9.97 15.17
CA SER A 34 -30.02 9.83 14.02
C SER A 34 -30.69 11.16 13.64
N LEU A 35 -30.35 12.22 14.37
CA LEU A 35 -30.80 13.56 14.02
C LEU A 35 -29.76 14.27 13.16
N TYR A 36 -28.80 14.91 13.82
CA TYR A 36 -27.58 15.33 13.14
C TYR A 36 -26.38 15.12 14.05
N ASN A 37 -25.43 14.33 13.57
CA ASN A 37 -24.56 13.54 14.43
C ASN A 37 -23.18 14.11 14.70
N PRO A 38 -22.41 14.43 13.67
CA PRO A 38 -21.08 14.92 13.96
C PRO A 38 -21.14 16.34 14.50
N ILE A 39 -21.23 16.50 15.81
CA ILE A 39 -21.27 17.85 16.37
C ILE A 39 -19.92 18.26 16.92
N PHE A 40 -19.39 19.31 16.30
CA PHE A 40 -18.15 19.90 16.71
C PHE A 40 -18.54 21.16 17.46
N ILE A 41 -18.04 21.30 18.67
CA ILE A 41 -18.21 22.52 19.41
C ILE A 41 -16.84 23.12 19.61
N TYR A 42 -16.73 24.42 19.41
CA TYR A 42 -15.48 25.11 19.67
C TYR A 42 -15.71 26.48 20.27
N GLY A 43 -14.75 26.92 21.08
CA GLY A 43 -14.83 28.24 21.70
C GLY A 43 -13.60 28.52 22.52
N SER A 44 -13.34 29.81 22.78
CA SER A 44 -12.28 30.26 23.69
C SER A 44 -12.21 29.39 24.94
N VAL A 45 -11.10 29.47 25.65
CA VAL A 45 -10.93 28.72 26.89
C VAL A 45 -11.97 29.16 27.91
N GLY A 46 -12.54 28.20 28.63
CA GLY A 46 -13.54 28.48 29.66
C GLY A 46 -14.86 28.93 29.08
N THR A 47 -15.08 28.58 27.81
CA THR A 47 -16.31 28.92 27.12
C THR A 47 -17.47 28.02 27.54
N GLY A 48 -17.16 26.93 28.24
CA GLY A 48 -18.17 26.03 28.77
C GLY A 48 -18.33 24.77 27.94
N LYS A 49 -17.39 24.56 27.01
CA LYS A 49 -17.37 23.38 26.17
C LYS A 49 -17.48 22.11 27.02
N THR A 50 -16.55 21.97 27.96
CA THR A 50 -16.53 20.82 28.84
C THR A 50 -17.85 20.60 29.57
N HIS A 51 -18.42 21.67 30.12
CA HIS A 51 -19.75 21.58 30.71
C HIS A 51 -20.72 20.89 29.74
N LEU A 52 -20.99 21.57 28.63
CA LEU A 52 -21.91 21.14 27.60
C LEU A 52 -21.78 19.67 27.25
N LEU A 53 -20.54 19.19 27.15
CA LEU A 53 -20.28 17.80 26.83
C LEU A 53 -20.57 16.89 28.03
N GLN A 54 -19.93 17.18 29.16
CA GLN A 54 -20.16 16.43 30.39
C GLN A 54 -21.66 16.33 30.63
N ALA A 55 -22.37 17.39 30.30
CA ALA A 55 -23.79 17.50 30.57
C ALA A 55 -24.62 16.68 29.61
N ALA A 56 -24.13 16.50 28.39
CA ALA A 56 -24.83 15.68 27.41
C ALA A 56 -24.80 14.21 27.83
N GLY A 57 -23.59 13.68 27.98
CA GLY A 57 -23.40 12.29 28.40
C GLY A 57 -24.08 11.94 29.71
N ASN A 58 -24.15 12.90 30.63
CA ASN A 58 -24.87 12.67 31.85
C ASN A 58 -26.33 12.37 31.60
N GLU A 59 -26.91 13.05 30.60
CA GLU A 59 -28.33 12.88 30.25
C GLU A 59 -28.51 11.55 29.57
N ALA A 60 -27.45 11.06 28.95
CA ALA A 60 -27.50 9.81 28.25
C ALA A 60 -27.44 8.62 29.20
N LYS A 61 -26.53 8.65 30.17
CA LYS A 61 -26.47 7.60 31.18
C LYS A 61 -27.75 7.56 32.03
N LYS A 62 -28.35 8.73 32.22
CA LYS A 62 -29.62 8.79 32.95
C LYS A 62 -30.73 8.15 32.13
N ARG A 63 -30.70 8.35 30.81
CA ARG A 63 -31.68 7.76 29.90
C ARG A 63 -31.32 6.33 29.54
N GLY A 64 -30.15 5.89 29.96
CA GLY A 64 -29.79 4.48 29.89
C GLY A 64 -28.84 4.10 28.77
N TYR A 65 -28.39 5.08 27.99
CA TYR A 65 -27.48 4.81 26.87
C TYR A 65 -26.06 4.51 27.35
N ARG A 66 -25.29 3.85 26.49
CA ARG A 66 -23.92 3.50 26.83
C ARG A 66 -22.96 4.56 26.31
N VAL A 67 -22.21 5.17 27.23
CA VAL A 67 -21.53 6.45 26.97
C VAL A 67 -20.09 6.51 27.46
N ILE A 68 -19.25 7.15 26.65
CA ILE A 68 -17.86 7.48 27.04
C ILE A 68 -17.54 8.97 26.82
N TYR A 69 -16.93 9.57 27.83
CA TYR A 69 -16.27 10.86 27.69
C TYR A 69 -14.78 10.63 27.75
N SER A 70 -14.01 11.45 27.04
CA SER A 70 -12.56 11.39 27.13
C SER A 70 -11.93 12.57 26.44
N SER A 71 -10.93 13.14 27.09
CA SER A 71 -10.09 14.14 26.46
C SER A 71 -9.27 13.44 25.39
N ALA A 72 -9.01 14.17 24.31
CA ALA A 72 -8.28 13.59 23.20
C ALA A 72 -6.85 13.20 23.59
N ASP A 73 -6.25 13.95 24.52
CA ASP A 73 -4.91 13.62 25.01
C ASP A 73 -4.94 12.58 26.15
N ASP A 74 -6.09 11.98 26.39
CA ASP A 74 -6.17 10.86 27.32
C ASP A 74 -6.62 9.64 26.58
N PHE A 75 -7.31 9.89 25.47
CA PHE A 75 -7.61 8.87 24.48
C PHE A 75 -6.29 8.34 23.95
N ALA A 76 -5.39 9.27 23.64
CA ALA A 76 -4.06 8.95 23.13
C ALA A 76 -3.28 8.08 24.12
N GLN A 77 -3.16 8.58 25.35
CA GLN A 77 -2.40 7.93 26.41
C GLN A 77 -2.94 6.53 26.76
N ALA A 78 -4.25 6.31 26.57
CA ALA A 78 -4.85 4.97 26.76
C ALA A 78 -4.43 4.10 25.58
N MET A 79 -4.82 4.51 24.38
CA MET A 79 -4.43 3.83 23.15
C MET A 79 -2.96 3.45 23.14
N VAL A 80 -2.14 4.23 23.82
CA VAL A 80 -0.69 4.01 23.82
C VAL A 80 -0.28 2.94 24.82
N GLU A 81 -1.03 2.80 25.92
CA GLU A 81 -0.79 1.73 26.87
C GLU A 81 -1.38 0.42 26.37
N HIS A 82 -2.63 0.47 25.92
CA HIS A 82 -3.26 -0.69 25.33
C HIS A 82 -2.44 -1.24 24.17
N LEU A 83 -1.85 -0.33 23.40
CA LEU A 83 -0.94 -0.71 22.32
C LEU A 83 0.22 -1.49 22.92
N LYS A 84 0.84 -0.92 23.96
CA LYS A 84 1.95 -1.57 24.65
C LYS A 84 1.55 -2.92 25.23
N LYS A 85 0.56 -2.92 26.11
CA LYS A 85 0.09 -4.15 26.73
C LYS A 85 -0.69 -5.05 25.75
N GLY A 86 -0.45 -4.87 24.46
CA GLY A 86 -1.08 -5.69 23.42
C GLY A 86 -2.56 -5.92 23.60
N THR A 87 -3.31 -4.84 23.83
CA THR A 87 -4.76 -4.91 24.06
C THR A 87 -5.50 -3.83 23.26
N ILE A 88 -5.02 -3.59 22.04
CA ILE A 88 -5.50 -2.51 21.21
C ILE A 88 -6.91 -2.76 20.69
N ASN A 89 -7.42 -3.97 20.85
CA ASN A 89 -8.72 -4.29 20.26
C ASN A 89 -9.91 -4.24 21.21
N GLU A 90 -9.70 -4.63 22.46
CA GLU A 90 -10.71 -4.42 23.49
C GLU A 90 -10.84 -2.93 23.76
N PHE A 91 -9.82 -2.18 23.35
CA PHE A 91 -9.84 -0.71 23.38
C PHE A 91 -10.76 -0.19 22.28
N ARG A 92 -10.52 -0.64 21.06
CA ARG A 92 -11.32 -0.24 19.91
C ARG A 92 -12.81 -0.49 20.10
N ASN A 93 -13.14 -1.74 20.39
CA ASN A 93 -14.53 -2.15 20.50
C ASN A 93 -15.26 -1.53 21.67
N MET A 94 -14.51 -1.23 22.73
CA MET A 94 -15.04 -0.41 23.82
C MET A 94 -15.63 0.87 23.24
N TYR A 95 -14.84 1.56 22.42
CA TYR A 95 -15.24 2.84 21.82
C TYR A 95 -16.28 2.70 20.71
N LYS A 96 -16.22 1.60 19.96
CA LYS A 96 -17.14 1.38 18.85
C LYS A 96 -18.53 1.03 19.35
N SER A 97 -18.63 0.67 20.63
CA SER A 97 -19.90 0.30 21.22
C SER A 97 -20.33 1.37 22.20
N VAL A 98 -20.49 2.58 21.69
CA VAL A 98 -21.06 3.66 22.50
C VAL A 98 -22.26 4.23 21.77
N ASP A 99 -23.32 4.48 22.53
CA ASP A 99 -24.45 5.19 21.98
C ASP A 99 -24.08 6.63 21.78
N LEU A 100 -23.19 7.13 22.64
CA LEU A 100 -22.75 8.50 22.60
C LEU A 100 -21.23 8.52 22.75
N LEU A 101 -20.54 9.17 21.82
CA LEU A 101 -19.12 9.45 21.99
C LEU A 101 -18.88 10.92 22.29
N LEU A 102 -18.23 11.18 23.42
CA LEU A 102 -17.93 12.54 23.86
C LEU A 102 -16.43 12.80 23.88
N LEU A 103 -15.88 13.32 22.79
CA LEU A 103 -14.44 13.54 22.72
C LEU A 103 -14.04 14.99 22.94
N ASP A 104 -13.37 15.22 24.07
CA ASP A 104 -13.15 16.56 24.56
C ASP A 104 -11.72 17.03 24.26
N ASP A 105 -11.57 18.34 24.09
CA ASP A 105 -10.27 18.99 23.79
C ASP A 105 -9.56 18.38 22.59
N VAL A 106 -10.31 18.29 21.51
CA VAL A 106 -9.88 17.71 20.23
C VAL A 106 -8.53 18.29 19.74
N GLN A 107 -8.29 19.56 20.06
CA GLN A 107 -7.07 20.26 19.68
C GLN A 107 -5.76 19.51 19.98
N PHE A 108 -5.80 18.58 20.94
CA PHE A 108 -4.60 17.81 21.32
C PHE A 108 -4.34 16.60 20.43
N LEU A 109 -4.89 16.63 19.23
CA LEU A 109 -4.66 15.58 18.26
C LEU A 109 -3.42 15.85 17.40
N SER A 110 -3.00 17.11 17.35
CA SER A 110 -1.91 17.49 16.47
C SER A 110 -0.63 16.68 16.71
N GLY A 111 -0.04 16.20 15.62
CA GLY A 111 1.24 15.49 15.67
C GLY A 111 1.09 14.00 15.87
N LYS A 112 0.04 13.60 16.58
CA LYS A 112 -0.20 12.22 16.90
C LYS A 112 -0.82 11.50 15.70
N GLU A 113 0.00 10.76 14.96
CA GLU A 113 -0.41 10.14 13.72
C GLU A 113 -1.27 8.92 14.00
N ARG A 114 -0.64 7.79 14.32
CA ARG A 114 -1.39 6.57 14.64
C ARG A 114 -2.38 6.88 15.73
N THR A 115 -2.03 7.83 16.58
CA THR A 115 -2.88 8.24 17.66
C THR A 115 -4.13 8.94 17.16
N GLN A 116 -4.08 9.46 15.93
CA GLN A 116 -5.26 10.00 15.22
C GLN A 116 -5.97 8.88 14.48
N ILE A 117 -5.26 8.30 13.52
CA ILE A 117 -5.71 7.12 12.76
C ILE A 117 -6.70 6.28 13.54
N GLU A 118 -6.38 6.01 14.80
CA GLU A 118 -7.18 5.19 15.67
C GLU A 118 -8.62 5.72 15.80
N PHE A 119 -8.72 7.02 16.09
CA PHE A 119 -10.00 7.72 16.24
C PHE A 119 -10.78 7.76 14.93
N PHE A 120 -10.07 8.03 13.84
CA PHE A 120 -10.66 8.02 12.51
C PHE A 120 -11.51 6.78 12.27
N HIS A 121 -11.04 5.64 12.76
CA HIS A 121 -11.75 4.40 12.57
C HIS A 121 -13.01 4.28 13.43
N ILE A 122 -12.92 4.56 14.73
CA ILE A 122 -14.13 4.57 15.57
C ILE A 122 -15.10 5.64 15.10
N PHE A 123 -14.56 6.68 14.48
CA PHE A 123 -15.40 7.76 13.96
C PHE A 123 -16.32 7.22 12.87
N ASN A 124 -15.74 6.84 11.73
CA ASN A 124 -16.51 6.30 10.63
C ASN A 124 -17.40 5.20 11.15
N THR A 125 -16.83 4.36 12.01
CA THR A 125 -17.54 3.21 12.53
C THR A 125 -18.78 3.62 13.31
N LEU A 126 -18.65 4.58 14.21
CA LEU A 126 -19.84 5.03 14.95
C LEU A 126 -20.77 5.80 14.04
N TYR A 127 -20.18 6.48 13.06
CA TYR A 127 -20.98 7.28 12.13
C TYR A 127 -21.88 6.36 11.34
N LEU A 128 -21.27 5.43 10.63
CA LEU A 128 -21.98 4.46 9.81
C LEU A 128 -23.11 3.81 10.57
N LEU A 129 -22.87 3.53 11.85
CA LEU A 129 -23.89 2.92 12.73
C LEU A 129 -24.85 3.95 13.33
N GLU A 130 -24.80 5.17 12.85
CA GLU A 130 -25.64 6.25 13.35
C GLU A 130 -25.65 6.31 14.87
N LYS A 131 -24.45 6.25 15.47
CA LYS A 131 -24.29 6.49 16.89
C LYS A 131 -23.97 7.98 17.06
N GLN A 132 -24.00 8.47 18.30
CA GLN A 132 -23.88 9.91 18.51
C GLN A 132 -22.48 10.30 18.92
N ILE A 133 -21.89 11.19 18.14
CA ILE A 133 -20.56 11.70 18.42
C ILE A 133 -20.53 13.23 18.64
N ILE A 134 -19.97 13.63 19.78
CA ILE A 134 -19.85 15.03 20.13
C ILE A 134 -18.37 15.37 20.38
N LEU A 135 -17.79 16.14 19.46
CA LEU A 135 -16.42 16.62 19.58
C LEU A 135 -16.42 18.03 20.14
N ALA A 136 -15.28 18.46 20.67
CA ALA A 136 -15.14 19.82 21.22
C ALA A 136 -13.68 20.26 21.27
N SER A 137 -13.41 21.47 20.76
CA SER A 137 -12.04 21.98 20.69
C SER A 137 -11.97 23.45 21.08
N ASP A 138 -10.77 23.97 21.28
CA ASP A 138 -10.58 25.40 21.49
C ASP A 138 -10.58 26.20 20.18
N ARG A 139 -10.28 25.53 19.06
CA ARG A 139 -10.26 26.18 17.74
C ARG A 139 -11.17 25.54 16.70
N HIS A 140 -11.65 26.36 15.76
CA HIS A 140 -12.40 25.88 14.59
C HIS A 140 -11.59 24.84 13.81
N PRO A 141 -12.28 23.85 13.21
CA PRO A 141 -11.66 22.90 12.28
C PRO A 141 -10.50 23.46 11.45
N GLN A 142 -10.75 24.49 10.62
CA GLN A 142 -9.73 25.06 9.72
C GLN A 142 -8.37 25.28 10.39
N LYS A 143 -8.40 25.66 11.66
CA LYS A 143 -7.20 26.04 12.38
C LYS A 143 -6.39 24.85 12.90
N LEU A 144 -6.98 23.65 12.81
CA LEU A 144 -6.27 22.44 13.23
C LEU A 144 -5.16 22.07 12.25
N ASP A 145 -4.02 22.76 12.34
CA ASP A 145 -2.80 22.30 11.69
C ASP A 145 -2.39 21.03 12.40
N GLY A 146 -1.65 20.17 11.71
CA GLY A 146 -1.12 18.97 12.34
C GLY A 146 -2.20 17.97 12.71
N VAL A 147 -3.34 18.08 12.03
CA VAL A 147 -4.36 17.07 12.11
C VAL A 147 -4.70 16.67 10.69
N SER A 148 -4.76 15.36 10.45
CA SER A 148 -4.91 14.85 9.11
C SER A 148 -6.10 15.46 8.40
N ASP A 149 -5.93 15.65 7.10
CA ASP A 149 -6.91 16.32 6.27
C ASP A 149 -8.26 15.61 6.29
N ARG A 150 -8.23 14.29 6.33
CA ARG A 150 -9.43 13.45 6.24
C ARG A 150 -10.30 13.55 7.49
N LEU A 151 -9.76 14.09 8.57
CA LEU A 151 -10.53 14.32 9.79
C LEU A 151 -11.22 15.69 9.79
N VAL A 152 -10.56 16.67 9.19
CA VAL A 152 -11.07 18.06 9.17
C VAL A 152 -12.29 18.22 8.29
N SER A 153 -12.27 17.66 7.10
CA SER A 153 -13.45 17.62 6.27
C SER A 153 -14.52 16.75 6.94
N ARG A 154 -14.08 15.76 7.74
CA ARG A 154 -15.00 14.99 8.57
C ARG A 154 -15.73 15.89 9.56
N PHE A 155 -14.98 16.77 10.24
CA PHE A 155 -15.55 17.64 11.27
C PHE A 155 -16.51 18.69 10.68
N GLU A 156 -16.12 19.25 9.54
CA GLU A 156 -16.90 20.29 8.88
C GLU A 156 -18.22 19.77 8.29
N GLY A 157 -18.25 18.47 7.99
CA GLY A 157 -19.42 17.87 7.36
C GLY A 157 -20.61 17.73 8.30
N GLY A 158 -20.35 17.93 9.60
CA GLY A 158 -21.40 17.82 10.60
C GLY A 158 -21.99 19.18 10.91
N ILE A 159 -22.05 19.51 12.20
CA ILE A 159 -22.46 20.85 12.60
C ILE A 159 -21.34 21.53 13.39
N LEU A 160 -20.89 22.66 12.87
CA LEU A 160 -19.96 23.50 13.59
C LEU A 160 -20.74 24.56 14.32
N VAL A 161 -20.69 24.52 15.64
CA VAL A 161 -21.15 25.65 16.42
C VAL A 161 -19.98 26.29 17.13
N GLU A 162 -20.00 27.62 17.16
CA GLU A 162 -19.04 28.38 17.93
C GLU A 162 -19.68 28.78 19.23
N ILE A 163 -18.87 28.91 20.27
CA ILE A 163 -19.32 29.56 21.49
C ILE A 163 -18.57 30.87 21.66
N GLU A 164 -19.26 31.96 21.39
CA GLU A 164 -18.67 33.29 21.45
C GLU A 164 -19.39 34.06 22.53
N LEU A 165 -18.76 34.12 23.70
CA LEU A 165 -19.30 34.87 24.84
C LEU A 165 -19.20 36.37 24.56
N ASP A 166 -20.31 36.97 24.15
CA ASP A 166 -20.36 38.40 23.83
C ASP A 166 -20.58 39.21 25.10
N ASN A 167 -21.45 40.21 25.05
CA ASN A 167 -21.69 41.05 26.22
C ASN A 167 -23.01 40.71 26.88
N LYS A 168 -24.05 40.63 26.05
CA LYS A 168 -25.39 40.27 26.50
C LYS A 168 -25.36 38.86 27.08
N THR A 169 -24.45 38.05 26.56
CA THR A 169 -24.25 36.68 27.03
C THR A 169 -23.58 36.67 28.42
N ARG A 170 -22.59 37.54 28.62
CA ARG A 170 -22.01 37.69 29.94
C ARG A 170 -22.98 38.35 30.92
N PHE A 171 -23.78 39.32 30.45
CA PHE A 171 -24.91 39.84 31.23
C PHE A 171 -25.61 38.65 31.93
N LYS A 172 -26.23 37.79 31.14
CA LYS A 172 -27.01 36.67 31.65
C LYS A 172 -26.20 35.79 32.59
N ILE A 173 -24.99 35.40 32.16
CA ILE A 173 -24.20 34.45 32.94
C ILE A 173 -23.85 35.01 34.32
N ILE A 174 -23.43 36.26 34.39
CA ILE A 174 -23.16 36.86 35.71
C ILE A 174 -24.45 36.85 36.54
N LYS A 175 -25.51 37.39 35.94
CA LYS A 175 -26.78 37.55 36.63
C LYS A 175 -27.25 36.22 37.23
N GLU A 176 -27.26 35.18 36.41
CA GLU A 176 -27.73 33.87 36.84
C GLU A 176 -26.86 33.25 37.91
N LYS A 177 -25.55 33.48 37.82
CA LYS A 177 -24.61 32.95 38.82
C LYS A 177 -24.82 33.59 40.19
N LEU A 178 -24.96 34.91 40.21
CA LEU A 178 -25.21 35.64 41.44
C LEU A 178 -26.47 35.13 42.11
N LYS A 179 -27.50 34.86 41.30
CA LYS A 179 -28.72 34.22 41.76
C LYS A 179 -28.46 32.81 42.31
N GLU A 180 -27.61 32.05 41.62
CA GLU A 180 -27.32 30.67 42.01
C GLU A 180 -26.74 30.61 43.42
N PHE A 181 -25.88 31.58 43.74
CA PHE A 181 -25.16 31.58 45.00
C PHE A 181 -26.00 32.10 46.16
N ASN A 182 -27.06 32.83 45.81
CA ASN A 182 -27.75 33.71 46.75
C ASN A 182 -26.85 34.83 47.24
N LEU A 183 -26.42 35.62 46.26
CA LEU A 183 -25.89 36.95 46.48
C LEU A 183 -26.94 37.84 45.88
N GLU A 184 -26.88 39.13 46.17
CA GLU A 184 -27.87 40.07 45.61
C GLU A 184 -27.34 40.79 44.38
N LEU A 185 -28.16 40.81 43.34
CA LEU A 185 -27.83 41.54 42.12
C LEU A 185 -27.77 43.05 42.38
N ARG A 186 -26.64 43.67 42.05
CA ARG A 186 -26.54 45.12 42.10
C ARG A 186 -25.56 45.64 41.05
N LYS A 187 -26.00 46.64 40.27
CA LYS A 187 -25.20 47.25 39.20
C LYS A 187 -23.68 47.34 39.46
N GLU A 188 -23.29 47.73 40.66
CA GLU A 188 -21.86 47.85 40.99
C GLU A 188 -21.13 46.53 40.77
N VAL A 189 -21.67 45.46 41.32
CA VAL A 189 -21.05 44.15 41.24
C VAL A 189 -21.15 43.62 39.83
N ILE A 190 -22.36 43.64 39.28
CA ILE A 190 -22.60 43.16 37.93
C ILE A 190 -21.72 43.88 36.90
N ASP A 191 -21.53 45.19 37.08
CA ASP A 191 -20.75 45.99 36.15
C ASP A 191 -19.25 45.77 36.27
N TYR A 192 -18.79 45.47 37.49
CA TYR A 192 -17.37 45.14 37.68
C TYR A 192 -17.07 43.82 37.00
N LEU A 193 -17.86 42.81 37.34
CA LEU A 193 -17.71 41.48 36.79
C LEU A 193 -17.86 41.49 35.27
N LEU A 194 -18.55 42.50 34.75
CA LEU A 194 -18.67 42.71 33.30
C LEU A 194 -17.38 43.20 32.68
N GLU A 195 -16.77 44.22 33.28
CA GLU A 195 -15.59 44.82 32.71
C GLU A 195 -14.30 44.20 33.24
N ASN A 196 -14.41 43.03 33.88
CA ASN A 196 -13.24 42.38 34.45
C ASN A 196 -13.14 40.86 34.20
N THR A 197 -14.12 40.29 33.50
CA THR A 197 -14.15 38.84 33.24
C THR A 197 -14.49 38.50 31.79
N LYS A 198 -13.67 37.64 31.17
CA LYS A 198 -13.86 37.26 29.77
C LYS A 198 -14.37 35.82 29.57
N ASN A 199 -13.96 34.90 30.44
CA ASN A 199 -14.49 33.53 30.41
C ASN A 199 -15.27 33.18 31.68
N VAL A 200 -16.09 32.14 31.60
CA VAL A 200 -16.92 31.75 32.75
C VAL A 200 -16.11 31.39 33.98
N ARG A 201 -14.96 30.74 33.78
CA ARG A 201 -14.06 30.40 34.88
C ARG A 201 -13.72 31.63 35.70
N GLU A 202 -13.37 32.73 35.01
CA GLU A 202 -13.02 34.01 35.64
C GLU A 202 -14.18 34.51 36.47
N ILE A 203 -15.32 34.76 35.82
CA ILE A 203 -16.57 35.02 36.51
C ILE A 203 -16.66 34.17 37.77
N GLU A 204 -17.02 32.89 37.64
CA GLU A 204 -17.34 32.07 38.81
C GLU A 204 -16.19 32.03 39.83
N GLY A 205 -14.97 32.11 39.33
CA GLY A 205 -13.79 32.26 40.19
C GLY A 205 -13.99 33.44 41.12
N LYS A 206 -14.47 34.54 40.56
CA LYS A 206 -14.64 35.78 41.30
C LYS A 206 -15.91 35.79 42.11
N ILE A 207 -16.95 35.12 41.60
CA ILE A 207 -18.23 35.10 42.30
C ILE A 207 -18.15 34.29 43.58
N LYS A 208 -17.15 33.44 43.68
CA LYS A 208 -16.92 32.72 44.94
C LYS A 208 -16.19 33.59 45.96
N LEU A 209 -15.20 34.36 45.50
CA LEU A 209 -14.55 35.30 46.38
C LEU A 209 -15.53 36.32 46.91
N ILE A 210 -16.51 36.67 46.10
CA ILE A 210 -17.57 37.55 46.55
C ILE A 210 -18.38 36.86 47.62
N LYS A 211 -18.61 35.56 47.45
CA LYS A 211 -19.39 34.78 48.40
C LYS A 211 -18.59 34.52 49.68
N LEU A 212 -17.34 34.96 49.70
CA LEU A 212 -16.42 34.57 50.74
C LEU A 212 -15.92 35.77 51.55
N LYS A 213 -15.41 36.79 50.86
CA LYS A 213 -14.90 37.98 51.52
C LYS A 213 -15.49 39.25 50.94
N GLY A 214 -16.82 39.28 50.84
CA GLY A 214 -17.56 40.43 50.34
C GLY A 214 -17.18 40.87 48.93
N PHE A 215 -17.53 42.10 48.58
CA PHE A 215 -17.19 42.66 47.28
C PHE A 215 -16.16 43.77 47.41
N GLU A 216 -16.24 44.55 48.48
CA GLU A 216 -15.25 45.60 48.73
C GLU A 216 -13.88 45.00 49.01
N GLY A 217 -13.82 43.67 49.03
CA GLY A 217 -12.56 42.94 49.15
C GLY A 217 -11.92 42.67 47.80
N LEU A 218 -12.73 42.71 46.74
CA LEU A 218 -12.25 42.44 45.38
C LEU A 218 -11.49 43.63 44.81
N GLU A 219 -12.16 44.78 44.72
CA GLU A 219 -11.61 45.96 44.05
C GLU A 219 -10.26 46.45 44.59
N ARG A 220 -9.82 45.91 45.73
CA ARG A 220 -8.49 46.26 46.24
C ARG A 220 -7.39 45.42 45.59
N LYS A 221 -7.42 44.10 45.82
CA LYS A 221 -6.44 43.21 45.22
C LYS A 221 -6.53 43.29 43.69
N GLU A 222 -7.75 43.24 43.17
CA GLU A 222 -8.01 43.16 41.74
C GLU A 222 -7.70 44.46 41.00
N ARG A 223 -8.10 45.59 41.56
CA ARG A 223 -7.97 46.85 40.83
C ARG A 223 -6.69 47.62 41.17
N LYS A 224 -6.24 47.53 42.41
CA LYS A 224 -5.12 48.36 42.87
C LYS A 224 -3.85 48.18 42.06
N GLU A 225 -3.37 46.95 41.95
CA GLU A 225 -2.16 46.69 41.17
C GLU A 225 -2.35 47.08 39.71
N ARG A 226 -3.60 47.01 39.24
CA ARG A 226 -3.92 47.41 37.88
C ARG A 226 -4.33 48.89 37.81
N ASP A 227 -4.16 49.60 38.94
CA ASP A 227 -4.24 51.05 38.99
C ASP A 227 -2.84 51.64 38.93
N LYS A 228 -1.88 50.88 39.44
CA LYS A 228 -0.47 51.18 39.26
C LYS A 228 -0.19 51.13 37.76
N LEU A 229 -0.95 50.30 37.05
CA LEU A 229 -0.84 50.18 35.61
C LEU A 229 -1.78 51.14 34.89
N MET A 230 -2.35 52.08 35.63
CA MET A 230 -2.97 53.25 35.01
C MET A 230 -1.87 54.16 34.47
N GLN A 231 -0.79 53.54 34.01
CA GLN A 231 0.35 54.23 33.43
C GLN A 231 -0.02 54.84 32.07
N ILE A 232 -1.19 54.46 31.56
CA ILE A 232 -1.73 55.06 30.34
C ILE A 232 -2.35 56.42 30.61
N VAL A 233 -3.27 56.47 31.57
CA VAL A 233 -3.82 57.75 32.05
C VAL A 233 -2.72 58.55 32.74
N GLU A 234 -1.58 57.90 32.92
CA GLU A 234 -0.41 58.51 33.55
C GLU A 234 0.40 59.36 32.57
N PHE A 235 1.23 58.71 31.76
CA PHE A 235 2.31 59.42 31.08
C PHE A 235 2.30 59.38 29.56
N VAL A 236 2.13 58.21 28.98
CA VAL A 236 2.19 58.08 27.53
C VAL A 236 1.04 58.83 26.86
N ALA A 237 -0.02 59.08 27.62
CA ALA A 237 -1.09 59.97 27.19
C ALA A 237 -0.62 61.43 27.17
N ASN A 238 0.25 61.78 28.10
CA ASN A 238 0.70 63.16 28.28
C ASN A 238 1.91 63.55 27.42
N TYR A 239 2.70 62.55 27.04
CA TYR A 239 3.85 62.82 26.17
C TYR A 239 3.38 63.16 24.75
N TYR A 240 3.36 62.19 23.85
CA TYR A 240 2.86 62.43 22.49
C TYR A 240 1.34 62.35 22.40
N ALA A 241 0.68 63.38 22.93
CA ALA A 241 -0.77 63.55 22.86
C ALA A 241 -1.57 62.30 22.50
N VAL A 242 -1.93 61.52 23.51
CA VAL A 242 -2.76 60.33 23.30
C VAL A 242 -4.00 60.35 24.20
N LYS A 243 -5.13 59.96 23.64
CA LYS A 243 -6.35 59.77 24.41
C LYS A 243 -6.51 58.31 24.83
N VAL A 244 -6.60 58.11 26.14
CA VAL A 244 -6.67 56.78 26.76
C VAL A 244 -7.54 55.78 25.97
N GLU A 245 -8.77 56.18 25.63
CA GLU A 245 -9.73 55.26 25.02
C GLU A 245 -9.32 54.76 23.63
N ASP A 246 -8.53 55.56 22.91
CA ASP A 246 -8.08 55.16 21.58
C ASP A 246 -6.86 54.25 21.65
N ILE A 247 -6.01 54.48 22.65
CA ILE A 247 -4.82 53.63 22.85
C ILE A 247 -5.19 52.24 23.35
N LEU A 248 -6.38 52.11 23.94
CA LEU A 248 -6.88 50.81 24.39
C LEU A 248 -7.67 50.08 23.29
N SER A 249 -7.41 50.46 22.04
CA SER A 249 -8.00 49.79 20.89
C SER A 249 -7.06 49.85 19.70
N ASP A 250 -6.62 48.69 19.21
CA ASP A 250 -5.65 48.59 18.11
C ASP A 250 -6.13 49.30 16.82
N LYS A 251 -5.52 50.46 16.51
CA LYS A 251 -6.06 51.32 15.42
C LYS A 251 -5.12 52.43 14.86
N ARG A 252 -4.00 52.04 14.26
CA ARG A 252 -3.13 52.97 13.50
C ARG A 252 -3.04 54.37 14.12
N ARG A 255 1.28 56.41 14.10
CA ARG A 255 2.10 56.71 15.26
C ARG A 255 1.24 56.89 16.53
N THR A 256 -0.08 57.10 16.35
CA THR A 256 -1.03 57.12 17.47
C THR A 256 -0.83 55.82 18.25
N SER A 257 -0.34 54.80 17.55
CA SER A 257 -0.25 53.42 18.04
C SER A 257 1.20 52.92 18.12
N GLU A 258 2.06 53.85 18.54
CA GLU A 258 3.49 53.67 18.79
C GLU A 258 3.67 54.04 20.25
N ALA A 259 2.67 54.73 20.78
CA ALA A 259 2.59 55.05 22.19
C ALA A 259 2.34 53.78 23.00
N ARG A 260 1.43 52.95 22.48
CA ARG A 260 1.11 51.64 23.06
C ARG A 260 2.38 50.85 23.33
N LYS A 261 3.12 50.54 22.27
CA LYS A 261 4.37 49.77 22.36
C LYS A 261 5.32 50.25 23.46
N ILE A 262 5.20 51.52 23.83
CA ILE A 262 6.00 52.09 24.91
C ILE A 262 5.37 51.78 26.26
N ALA A 263 4.09 52.09 26.40
CA ALA A 263 3.35 51.82 27.63
C ALA A 263 3.61 50.39 28.14
N MET A 264 3.34 49.42 27.27
CA MET A 264 3.55 47.99 27.58
C MET A 264 4.99 47.72 28.03
N TYR A 265 5.97 48.39 27.41
CA TYR A 265 7.38 48.24 27.76
C TYR A 265 7.69 48.75 29.15
N LEU A 266 7.15 49.91 29.48
CA LEU A 266 7.42 50.53 30.77
C LEU A 266 6.81 49.71 31.90
N CYS A 267 5.69 49.06 31.60
CA CYS A 267 5.01 48.16 32.56
C CYS A 267 5.86 46.93 32.87
N ARG A 268 6.57 46.43 31.87
CA ARG A 268 7.43 45.27 32.04
C ARG A 268 8.69 45.60 32.83
N LYS A 269 9.53 46.48 32.28
CA LYS A 269 10.89 46.70 32.81
C LYS A 269 10.93 47.52 34.11
N VAL A 270 10.16 48.60 34.15
CA VAL A 270 10.13 49.45 35.34
C VAL A 270 9.19 48.89 36.40
N CYS A 271 7.98 48.50 35.97
CA CYS A 271 6.93 48.05 36.89
C CYS A 271 6.98 46.55 37.18
N SER A 272 7.76 45.82 36.39
CA SER A 272 8.04 44.39 36.63
C SER A 272 6.82 43.48 36.43
N ALA A 273 5.77 44.00 35.79
CA ALA A 273 4.53 43.25 35.60
C ALA A 273 4.67 42.10 34.59
N SER A 274 3.84 41.07 34.79
CA SER A 274 3.84 39.90 33.92
C SER A 274 3.09 40.19 32.62
N LEU A 275 3.37 39.37 31.60
CA LEU A 275 2.75 39.54 30.29
C LEU A 275 1.23 39.57 30.39
N ILE A 276 0.68 38.56 31.06
CA ILE A 276 -0.76 38.48 31.34
C ILE A 276 -1.28 39.72 32.04
N GLU A 277 -0.55 40.19 33.04
CA GLU A 277 -0.88 41.44 33.71
C GLU A 277 -0.91 42.60 32.73
N ILE A 278 0.01 42.57 31.77
CA ILE A 278 0.15 43.66 30.82
C ILE A 278 -0.90 43.52 29.71
N ALA A 279 -1.16 42.29 29.28
CA ALA A 279 -2.14 42.04 28.25
C ALA A 279 -3.55 42.46 28.67
N ARG A 280 -3.77 42.61 29.98
CA ARG A 280 -5.02 43.17 30.49
C ARG A 280 -4.97 44.72 30.58
N ALA A 281 -4.30 45.33 29.60
CA ALA A 281 -4.43 46.74 29.32
C ALA A 281 -4.91 46.89 27.88
N PHE A 282 -4.70 45.82 27.10
CA PHE A 282 -5.10 45.77 25.71
C PHE A 282 -6.57 45.41 25.59
N LYS A 285 -7.18 40.04 24.18
CA LYS A 285 -6.37 39.24 25.10
C LYS A 285 -5.62 38.14 24.36
N ASP A 286 -4.70 38.54 23.51
CA ASP A 286 -3.84 37.62 22.78
C ASP A 286 -2.41 37.87 23.23
N HIS A 287 -1.89 36.99 24.08
CA HIS A 287 -0.69 37.31 24.87
C HIS A 287 0.66 37.33 24.11
N THR A 288 0.62 37.13 22.80
CA THR A 288 1.83 37.21 21.96
C THR A 288 2.11 38.63 21.46
N THR A 289 1.04 39.40 21.27
CA THR A 289 1.13 40.80 20.82
C THR A 289 2.13 41.59 21.67
N VAL A 290 1.92 41.53 22.99
CA VAL A 290 2.75 42.23 23.98
C VAL A 290 4.23 41.86 23.84
N ILE A 291 4.50 40.57 23.70
CA ILE A 291 5.87 40.06 23.67
C ILE A 291 6.71 40.62 22.52
N HIS A 292 6.16 40.62 21.30
CA HIS A 292 6.88 41.15 20.15
C HIS A 292 6.69 42.65 20.00
N ALA A 293 5.64 43.17 20.65
CA ALA A 293 5.43 44.61 20.72
C ALA A 293 6.44 45.28 21.66
N ILE A 294 6.96 44.50 22.61
CA ILE A 294 7.99 44.99 23.53
C ILE A 294 9.39 44.76 22.96
N ARG A 295 9.53 43.74 22.11
CA ARG A 295 10.80 43.45 21.47
C ARG A 295 11.10 44.43 20.34
N SER A 296 10.06 44.82 19.59
CA SER A 296 10.20 45.77 18.49
C SER A 296 10.67 47.14 18.98
N VAL A 297 10.54 47.37 20.29
CA VAL A 297 11.03 48.60 20.91
C VAL A 297 12.55 48.64 20.91
N GLU A 298 13.19 47.53 21.30
CA GLU A 298 14.65 47.43 21.24
C GLU A 298 15.14 46.79 19.94
N GLU A 299 14.21 46.29 19.13
CA GLU A 299 14.46 45.94 17.74
C GLU A 299 14.67 47.24 16.97
N GLU A 300 14.05 48.31 17.46
CA GLU A 300 14.30 49.67 16.99
C GLU A 300 14.96 50.51 18.10
N LYS A 301 15.95 49.93 18.76
CA LYS A 301 16.80 50.66 19.70
C LYS A 301 18.14 50.95 19.03
N LYS A 302 18.09 51.15 17.71
CA LYS A 302 19.29 51.43 16.90
C LYS A 302 19.37 52.91 16.57
N ARG A 305 17.56 55.89 16.58
CA ARG A 305 18.74 56.67 16.19
C ARG A 305 18.85 57.92 17.04
N LYS A 306 17.69 58.51 17.34
CA LYS A 306 17.57 59.54 18.33
C LYS A 306 16.57 59.03 19.36
N PHE A 307 16.70 57.74 19.68
CA PHE A 307 15.68 57.01 20.41
C PHE A 307 16.12 56.60 21.81
N LYS A 308 17.26 55.91 21.90
CA LYS A 308 17.76 55.37 23.16
C LYS A 308 17.53 56.29 24.37
N HIS A 309 17.84 57.57 24.21
CA HIS A 309 17.75 58.53 25.30
C HIS A 309 16.31 58.95 25.64
N LEU A 310 15.41 58.82 24.68
CA LEU A 310 13.99 59.10 24.91
C LEU A 310 13.39 58.11 25.91
N VAL A 311 13.61 56.82 25.65
CA VAL A 311 13.17 55.74 26.54
C VAL A 311 13.70 55.96 27.95
N GLY A 312 15.01 56.19 28.05
CA GLY A 312 15.68 56.40 29.34
C GLY A 312 15.12 57.57 30.13
N PHE A 313 14.88 58.69 29.45
CA PHE A 313 14.27 59.87 30.06
C PHE A 313 12.91 59.54 30.68
N LEU A 314 12.15 58.68 30.00
CA LEU A 314 10.85 58.23 30.49
C LEU A 314 11.00 57.15 31.57
N GLU A 315 12.01 56.29 31.39
CA GLU A 315 12.33 55.27 32.39
C GLU A 315 12.66 55.92 33.74
N LYS A 316 13.38 57.03 33.69
CA LYS A 316 13.68 57.80 34.89
C LYS A 316 12.43 58.53 35.41
N GLN A 317 11.46 58.76 34.52
CA GLN A 317 10.23 59.48 34.88
C GLN A 317 9.25 58.60 35.67
N ALA A 318 9.18 57.32 35.30
CA ALA A 318 8.30 56.38 35.98
C ALA A 318 8.85 55.96 37.34
N PHE A 319 10.18 55.92 37.45
CA PHE A 319 10.86 55.60 38.70
C PHE A 319 10.53 56.62 39.79
N ASP A 320 10.73 57.90 39.46
CA ASP A 320 10.39 58.98 40.38
C ASP A 320 8.93 58.87 40.82
N LYS A 321 8.04 58.79 39.83
CA LYS A 321 6.60 58.76 40.08
C LYS A 321 6.18 57.57 40.93
N ILE A 322 6.68 56.38 40.58
CA ILE A 322 6.16 55.13 41.13
C ILE A 322 7.06 54.43 42.18
N CYS A 323 8.38 54.57 42.03
CA CYS A 323 9.32 53.89 42.93
C CYS A 323 9.57 54.66 44.23
N ASP B 1 -23.91 -5.77 8.97
CA ASP B 1 -24.31 -4.88 7.83
C ASP B 1 -23.20 -3.87 7.50
N PHE B 2 -23.09 -2.84 8.34
CA PHE B 2 -22.24 -1.66 8.08
C PHE B 2 -22.68 -0.82 6.88
N LEU B 3 -23.87 -1.13 6.35
CA LEU B 3 -24.52 -0.32 5.33
C LEU B 3 -25.60 0.57 5.95
N ASN B 4 -25.37 1.88 5.90
CA ASN B 4 -26.38 2.82 6.33
C ASN B 4 -27.40 3.06 5.23
N PRO B 5 -28.69 2.79 5.52
CA PRO B 5 -29.79 2.97 4.57
C PRO B 5 -29.81 4.38 3.96
N LYS B 6 -29.31 5.38 4.71
CA LYS B 6 -29.32 6.79 4.31
C LYS B 6 -28.96 7.01 2.86
N TYR B 7 -27.71 6.68 2.54
CA TYR B 7 -27.24 6.88 1.18
C TYR B 7 -27.91 5.96 0.22
N THR B 8 -28.48 6.52 -0.80
CA THR B 8 -29.02 5.67 -1.81
C THR B 8 -28.88 6.29 -3.18
N LEU B 9 -29.13 5.49 -4.21
CA LEU B 9 -28.99 5.99 -5.56
C LEU B 9 -29.85 7.23 -5.77
N GLU B 10 -31.18 7.14 -5.71
CA GLU B 10 -31.94 8.40 -5.82
C GLU B 10 -31.30 9.46 -4.93
N ASN B 11 -31.22 9.22 -3.61
CA ASN B 11 -30.66 10.21 -2.65
C ASN B 11 -29.28 10.82 -3.05
N PHE B 12 -28.70 10.41 -4.20
CA PHE B 12 -27.38 10.94 -4.71
C PHE B 12 -27.58 11.71 -6.03
N ILE B 13 -27.08 12.95 -6.10
CA ILE B 13 -27.33 13.87 -7.23
C ILE B 13 -26.33 13.76 -8.40
N VAL B 14 -26.82 13.97 -9.63
CA VAL B 14 -26.05 13.71 -10.86
C VAL B 14 -25.78 14.94 -11.74
N GLY B 15 -24.51 15.13 -12.13
CA GLY B 15 -24.10 16.20 -13.07
C GLY B 15 -22.87 15.75 -13.86
N GLU B 16 -22.45 16.52 -14.86
CA GLU B 16 -21.34 16.04 -15.69
C GLU B 16 -19.99 16.13 -14.97
N GLY B 17 -19.88 15.38 -13.88
CA GLY B 17 -18.67 15.36 -13.07
C GLY B 17 -18.64 14.11 -12.23
N ASN B 18 -19.82 13.54 -12.00
CA ASN B 18 -19.96 12.20 -11.43
C ASN B 18 -21.03 11.38 -12.15
N ARG B 19 -21.52 11.89 -13.28
CA ARG B 19 -22.54 11.20 -14.07
C ARG B 19 -22.05 9.84 -14.53
N LEU B 20 -20.75 9.80 -14.83
CA LEU B 20 -20.09 8.62 -15.36
C LEU B 20 -20.18 7.48 -14.34
N ALA B 21 -19.59 7.72 -13.16
CA ALA B 21 -19.59 6.74 -12.07
C ALA B 21 -20.98 6.31 -11.65
N TYR B 22 -21.98 7.15 -11.92
CA TYR B 22 -23.35 6.80 -11.63
C TYR B 22 -23.87 5.77 -12.63
N GLU B 23 -23.83 6.11 -13.91
CA GLU B 23 -24.39 5.23 -14.94
C GLU B 23 -23.50 4.01 -15.21
N VAL B 24 -22.33 3.97 -14.57
CA VAL B 24 -21.52 2.76 -14.52
C VAL B 24 -22.07 1.85 -13.42
N VAL B 25 -22.21 2.40 -12.22
CA VAL B 25 -22.67 1.67 -11.05
C VAL B 25 -24.14 1.26 -11.18
N LYS B 26 -24.89 2.02 -11.97
CA LYS B 26 -26.32 1.76 -12.19
C LYS B 26 -26.54 0.54 -13.09
N GLU B 27 -26.03 0.62 -14.31
CA GLU B 27 -26.15 -0.48 -15.27
C GLU B 27 -25.48 -1.74 -14.72
N ALA B 28 -24.41 -1.53 -13.96
CA ALA B 28 -23.60 -2.62 -13.43
C ALA B 28 -24.29 -3.36 -12.30
N LEU B 29 -25.31 -2.73 -11.73
CA LEU B 29 -26.02 -3.30 -10.59
C LEU B 29 -27.22 -4.11 -11.06
N GLU B 30 -27.32 -4.31 -12.37
CA GLU B 30 -28.40 -5.10 -12.96
C GLU B 30 -27.94 -6.53 -13.24
N ASN B 31 -26.96 -6.69 -14.13
CA ASN B 31 -26.21 -7.93 -14.19
C ASN B 31 -24.88 -7.75 -13.47
N LEU B 32 -24.90 -7.99 -12.17
CA LEU B 32 -23.75 -7.77 -11.29
C LEU B 32 -22.57 -8.63 -11.71
N GLY B 33 -21.45 -7.98 -12.01
CA GLY B 33 -20.20 -8.68 -12.33
C GLY B 33 -20.17 -9.33 -13.70
N SER B 34 -21.29 -9.25 -14.41
CA SER B 34 -21.41 -9.84 -15.72
C SER B 34 -21.23 -8.79 -16.83
N LEU B 35 -21.78 -7.59 -16.62
CA LEU B 35 -21.62 -6.50 -17.57
C LEU B 35 -20.20 -6.00 -17.55
N TYR B 36 -19.83 -5.36 -16.45
CA TYR B 36 -18.43 -5.09 -16.17
C TYR B 36 -18.16 -4.93 -14.70
N ASN B 37 -17.20 -5.72 -14.20
CA ASN B 37 -17.08 -6.00 -12.77
C ASN B 37 -16.12 -5.08 -12.02
N PRO B 38 -14.81 -5.29 -12.18
CA PRO B 38 -13.85 -4.60 -11.31
C PRO B 38 -13.89 -3.07 -11.46
N ILE B 39 -14.97 -2.46 -11.00
CA ILE B 39 -15.12 -1.03 -11.08
C ILE B 39 -14.28 -0.37 -9.99
N PHE B 40 -13.49 0.64 -10.36
CA PHE B 40 -12.57 1.32 -9.43
C PHE B 40 -12.86 2.81 -9.44
N ILE B 41 -13.33 3.34 -8.32
CA ILE B 41 -13.68 4.75 -8.21
C ILE B 41 -12.59 5.54 -7.46
N TYR B 42 -12.32 6.75 -7.91
CA TYR B 42 -11.41 7.64 -7.17
C TYR B 42 -11.77 9.09 -7.38
N GLY B 43 -11.67 9.87 -6.30
CA GLY B 43 -11.92 11.31 -6.36
C GLY B 43 -11.01 12.03 -5.40
N SER B 44 -11.33 13.28 -5.10
CA SER B 44 -10.66 14.01 -4.04
C SER B 44 -11.31 13.68 -2.69
N VAL B 45 -11.15 14.57 -1.72
CA VAL B 45 -11.86 14.48 -0.44
C VAL B 45 -13.36 14.56 -0.66
N GLY B 46 -14.13 13.94 0.23
CA GLY B 46 -15.60 14.04 0.19
C GLY B 46 -16.16 14.28 -1.20
N THR B 47 -15.93 13.33 -2.10
CA THR B 47 -16.39 13.47 -3.48
C THR B 47 -17.69 12.72 -3.74
N GLY B 48 -17.98 11.75 -2.88
CA GLY B 48 -19.22 10.99 -2.99
C GLY B 48 -18.98 9.52 -3.25
N LYS B 49 -17.72 9.12 -3.22
CA LYS B 49 -17.34 7.72 -3.35
C LYS B 49 -18.03 6.81 -2.32
N THR B 50 -18.01 7.20 -1.04
CA THR B 50 -18.66 6.41 0.01
C THR B 50 -20.18 6.37 -0.15
N HIS B 51 -20.77 7.46 -0.64
CA HIS B 51 -22.20 7.48 -0.95
C HIS B 51 -22.49 6.38 -1.95
N LEU B 52 -21.81 6.48 -3.09
CA LEU B 52 -22.00 5.57 -4.21
C LEU B 52 -21.89 4.12 -3.78
N LEU B 53 -20.74 3.75 -3.24
CA LEU B 53 -20.54 2.41 -2.74
C LEU B 53 -21.68 1.98 -1.82
N GLN B 54 -22.02 2.84 -0.86
CA GLN B 54 -23.06 2.52 0.12
C GLN B 54 -24.39 2.36 -0.58
N ALA B 55 -24.62 3.20 -1.59
CA ALA B 55 -25.89 3.26 -2.29
C ALA B 55 -26.14 1.97 -3.07
N ALA B 56 -25.08 1.49 -3.71
CA ALA B 56 -25.15 0.30 -4.53
C ALA B 56 -25.50 -0.94 -3.70
N GLY B 57 -24.66 -1.26 -2.72
CA GLY B 57 -24.88 -2.40 -1.83
C GLY B 57 -26.17 -2.34 -1.04
N ASN B 58 -26.78 -1.15 -1.00
CA ASN B 58 -28.08 -0.99 -0.39
C ASN B 58 -29.18 -1.39 -1.34
N GLU B 59 -28.97 -1.09 -2.63
CA GLU B 59 -29.89 -1.53 -3.69
C GLU B 59 -29.75 -3.02 -3.82
N ALA B 60 -28.54 -3.51 -3.56
CA ALA B 60 -28.23 -4.92 -3.70
C ALA B 60 -29.00 -5.80 -2.73
N LYS B 61 -28.76 -5.68 -1.43
CA LYS B 61 -29.50 -6.47 -0.45
C LYS B 61 -31.01 -6.17 -0.55
N LYS B 62 -31.33 -5.08 -1.23
CA LYS B 62 -32.71 -4.69 -1.50
C LYS B 62 -33.27 -5.54 -2.62
N ARG B 63 -32.41 -6.36 -3.23
CA ARG B 63 -32.81 -7.28 -4.29
C ARG B 63 -32.58 -8.73 -3.87
N GLY B 64 -31.94 -8.91 -2.72
CA GLY B 64 -31.68 -10.25 -2.19
C GLY B 64 -30.20 -10.59 -2.11
N TYR B 65 -29.42 -10.17 -3.11
CA TYR B 65 -27.98 -10.47 -3.22
C TYR B 65 -27.17 -10.29 -1.92
N ARG B 66 -26.12 -11.09 -1.78
CA ARG B 66 -25.21 -10.99 -0.62
C ARG B 66 -24.19 -9.86 -0.78
N VAL B 67 -24.09 -8.99 0.23
CA VAL B 67 -23.35 -7.75 0.11
C VAL B 67 -22.50 -7.44 1.35
N ILE B 68 -21.24 -7.06 1.11
CA ILE B 68 -20.35 -6.58 2.17
C ILE B 68 -19.72 -5.22 1.82
N TYR B 69 -19.74 -4.31 2.79
CA TYR B 69 -18.99 -3.06 2.70
C TYR B 69 -17.86 -3.09 3.72
N SER B 70 -16.70 -2.60 3.32
CA SER B 70 -15.60 -2.35 4.26
C SER B 70 -14.65 -1.28 3.78
N SER B 71 -14.15 -0.50 4.72
CA SER B 71 -12.97 0.28 4.45
C SER B 71 -11.84 -0.71 4.30
N ALA B 72 -10.76 -0.28 3.65
CA ALA B 72 -9.59 -1.13 3.51
C ALA B 72 -8.91 -1.35 4.86
N ASP B 73 -8.95 -0.35 5.75
CA ASP B 73 -8.25 -0.45 7.03
C ASP B 73 -9.01 -1.23 8.11
N ASP B 74 -10.34 -1.26 8.03
CA ASP B 74 -11.10 -2.12 8.93
C ASP B 74 -10.90 -3.56 8.51
N PHE B 75 -10.82 -3.75 7.20
CA PHE B 75 -10.49 -5.06 6.63
C PHE B 75 -9.17 -5.55 7.19
N ALA B 76 -8.19 -4.65 7.22
CA ALA B 76 -6.91 -4.95 7.84
C ALA B 76 -7.12 -5.50 9.23
N GLN B 77 -7.71 -4.71 10.09
CA GLN B 77 -7.88 -5.02 11.50
C GLN B 77 -8.82 -6.21 11.71
N ALA B 78 -9.56 -6.60 10.67
CA ALA B 78 -10.37 -7.82 10.69
C ALA B 78 -9.52 -9.07 10.40
N MET B 79 -8.67 -8.97 9.39
CA MET B 79 -7.77 -10.04 9.04
C MET B 79 -6.84 -10.38 10.19
N VAL B 80 -6.23 -9.34 10.79
CA VAL B 80 -5.16 -9.53 11.79
C VAL B 80 -5.67 -10.03 13.16
N GLU B 81 -6.94 -9.76 13.47
CA GLU B 81 -7.59 -10.37 14.63
C GLU B 81 -7.99 -11.81 14.36
N HIS B 82 -8.62 -12.06 13.22
CA HIS B 82 -8.92 -13.41 12.80
C HIS B 82 -7.67 -14.25 12.85
N LEU B 83 -6.57 -13.67 12.36
CA LEU B 83 -5.27 -14.32 12.41
C LEU B 83 -4.88 -14.71 13.84
N LYS B 84 -4.86 -13.72 14.74
CA LYS B 84 -4.57 -13.99 16.15
C LYS B 84 -5.53 -15.02 16.74
N LYS B 85 -6.81 -14.93 16.37
CA LYS B 85 -7.83 -15.87 16.83
C LYS B 85 -7.85 -17.14 15.99
N GLY B 86 -6.92 -17.25 15.06
CA GLY B 86 -6.79 -18.42 14.20
C GLY B 86 -8.08 -18.85 13.53
N THR B 87 -8.83 -17.89 13.02
CA THR B 87 -10.04 -18.19 12.26
C THR B 87 -9.97 -17.58 10.87
N ILE B 88 -8.75 -17.42 10.37
CA ILE B 88 -8.51 -16.72 9.12
C ILE B 88 -9.25 -17.35 7.94
N ASN B 89 -9.75 -18.57 8.11
CA ASN B 89 -10.48 -19.24 7.05
C ASN B 89 -11.93 -18.83 6.91
N GLU B 90 -12.63 -18.72 8.04
CA GLU B 90 -14.03 -18.25 8.01
C GLU B 90 -14.10 -16.79 7.61
N PHE B 91 -12.96 -16.10 7.75
CA PHE B 91 -12.79 -14.74 7.25
C PHE B 91 -12.78 -14.74 5.72
N ARG B 92 -11.85 -15.49 5.14
CA ARG B 92 -11.76 -15.64 3.69
C ARG B 92 -13.09 -16.06 3.08
N ASN B 93 -13.68 -17.12 3.63
CA ASN B 93 -14.91 -17.69 3.11
C ASN B 93 -16.04 -16.68 3.09
N MET B 94 -16.12 -15.87 4.14
CA MET B 94 -17.14 -14.83 4.28
C MET B 94 -17.10 -13.86 3.09
N TYR B 95 -15.89 -13.50 2.67
CA TYR B 95 -15.71 -12.54 1.59
C TYR B 95 -15.92 -13.16 0.20
N LYS B 96 -15.57 -14.43 0.06
CA LYS B 96 -15.74 -15.13 -1.21
C LYS B 96 -17.19 -15.58 -1.41
N SER B 97 -18.01 -15.38 -0.38
CA SER B 97 -19.41 -15.77 -0.39
C SER B 97 -20.31 -14.57 -0.58
N VAL B 98 -19.96 -13.70 -1.54
CA VAL B 98 -20.79 -12.51 -1.83
C VAL B 98 -21.10 -12.33 -3.31
N ASP B 99 -22.21 -11.66 -3.59
CA ASP B 99 -22.53 -11.27 -4.95
C ASP B 99 -21.89 -9.91 -5.29
N LEU B 100 -21.61 -9.12 -4.26
CA LEU B 100 -21.09 -7.78 -4.45
C LEU B 100 -20.07 -7.46 -3.36
N LEU B 101 -18.92 -6.93 -3.76
CA LEU B 101 -17.91 -6.44 -2.80
C LEU B 101 -17.65 -4.95 -2.92
N LEU B 102 -17.83 -4.24 -1.81
CA LEU B 102 -17.61 -2.80 -1.76
C LEU B 102 -16.43 -2.49 -0.87
N LEU B 103 -15.27 -2.30 -1.50
CA LEU B 103 -14.06 -1.96 -0.75
C LEU B 103 -13.73 -0.48 -0.83
N ASP B 104 -14.06 0.24 0.25
CA ASP B 104 -13.92 1.68 0.29
C ASP B 104 -12.53 2.07 0.77
N ASP B 105 -12.14 3.31 0.50
CA ASP B 105 -10.83 3.82 0.87
C ASP B 105 -9.74 2.77 0.65
N VAL B 106 -9.64 2.29 -0.59
CA VAL B 106 -8.66 1.28 -0.95
C VAL B 106 -7.24 1.72 -0.58
N GLN B 107 -6.95 3.00 -0.81
CA GLN B 107 -5.65 3.60 -0.55
C GLN B 107 -4.94 3.12 0.71
N PHE B 108 -5.70 2.60 1.68
CA PHE B 108 -5.13 2.18 2.96
C PHE B 108 -4.46 0.80 2.90
N LEU B 109 -4.13 0.37 1.69
CA LEU B 109 -3.40 -0.87 1.47
C LEU B 109 -1.88 -0.63 1.50
N SER B 110 -1.47 0.59 1.19
CA SER B 110 -0.06 0.95 1.23
C SER B 110 0.65 0.38 2.47
N GLY B 111 1.74 -0.35 2.24
CA GLY B 111 2.60 -0.81 3.33
C GLY B 111 2.32 -2.21 3.80
N LYS B 112 1.04 -2.55 3.92
CA LYS B 112 0.61 -3.84 4.43
C LYS B 112 0.77 -4.94 3.38
N GLU B 113 1.69 -5.87 3.65
CA GLU B 113 2.04 -6.89 2.66
C GLU B 113 1.23 -8.15 2.86
N ARG B 114 0.98 -8.51 4.11
CA ARG B 114 0.16 -9.68 4.41
C ARG B 114 -1.28 -9.24 4.28
N THR B 115 -1.51 -8.00 4.66
CA THR B 115 -2.83 -7.41 4.70
C THR B 115 -3.39 -7.24 3.30
N GLN B 116 -2.49 -7.10 2.32
CA GLN B 116 -2.87 -6.99 0.92
C GLN B 116 -3.15 -8.36 0.34
N ILE B 117 -2.10 -9.18 0.26
CA ILE B 117 -2.13 -10.52 -0.35
C ILE B 117 -3.45 -11.27 -0.12
N GLU B 118 -3.97 -11.19 1.11
CA GLU B 118 -5.19 -11.86 1.48
C GLU B 118 -6.35 -11.38 0.61
N PHE B 119 -6.39 -10.06 0.38
CA PHE B 119 -7.40 -9.46 -0.49
C PHE B 119 -7.20 -9.89 -1.95
N PHE B 120 -5.95 -9.98 -2.37
CA PHE B 120 -5.57 -10.48 -3.71
C PHE B 120 -6.29 -11.77 -4.07
N HIS B 121 -6.39 -12.68 -3.11
CA HIS B 121 -7.03 -13.98 -3.34
C HIS B 121 -8.53 -13.88 -3.45
N ILE B 122 -9.16 -13.27 -2.44
CA ILE B 122 -10.59 -13.04 -2.49
C ILE B 122 -10.96 -12.22 -3.73
N PHE B 123 -10.01 -11.40 -4.20
CA PHE B 123 -10.25 -10.65 -5.41
C PHE B 123 -10.33 -11.58 -6.59
N ASN B 124 -9.22 -12.28 -6.85
CA ASN B 124 -9.16 -13.28 -7.91
C ASN B 124 -10.29 -14.29 -7.83
N THR B 125 -10.53 -14.83 -6.62
CA THR B 125 -11.64 -15.75 -6.40
C THR B 125 -12.95 -15.14 -6.88
N LEU B 126 -13.31 -13.99 -6.34
CA LEU B 126 -14.56 -13.33 -6.69
C LEU B 126 -14.67 -13.08 -8.20
N TYR B 127 -13.56 -12.67 -8.79
CA TYR B 127 -13.52 -12.29 -10.20
C TYR B 127 -13.98 -13.42 -11.07
N LEU B 128 -13.28 -14.55 -10.98
CA LEU B 128 -13.51 -15.71 -11.85
C LEU B 128 -14.90 -16.33 -11.68
N LEU B 129 -15.54 -16.05 -10.54
CA LEU B 129 -16.92 -16.48 -10.31
C LEU B 129 -17.90 -15.45 -10.85
N GLU B 130 -17.35 -14.37 -11.44
CA GLU B 130 -18.12 -13.29 -12.04
C GLU B 130 -19.04 -12.56 -11.07
N LYS B 131 -18.60 -12.41 -9.83
CA LYS B 131 -19.36 -11.71 -8.82
C LYS B 131 -18.91 -10.24 -8.75
N GLN B 132 -19.82 -9.34 -8.40
CA GLN B 132 -19.60 -7.91 -8.58
C GLN B 132 -18.64 -7.31 -7.56
N ILE B 133 -17.62 -6.61 -8.05
CA ILE B 133 -16.68 -5.93 -7.16
C ILE B 133 -16.39 -4.45 -7.53
N ILE B 134 -16.62 -3.56 -6.57
CA ILE B 134 -16.39 -2.15 -6.76
C ILE B 134 -15.41 -1.62 -5.70
N LEU B 135 -14.35 -0.95 -6.17
CA LEU B 135 -13.33 -0.33 -5.31
C LEU B 135 -13.50 1.20 -5.20
N ALA B 136 -12.78 1.80 -4.25
CA ALA B 136 -12.83 3.26 -4.08
C ALA B 136 -11.59 3.79 -3.37
N SER B 137 -10.99 4.83 -3.94
CA SER B 137 -9.81 5.42 -3.31
C SER B 137 -9.80 6.94 -3.43
N ASP B 138 -8.88 7.59 -2.72
CA ASP B 138 -8.65 9.00 -2.91
C ASP B 138 -7.75 9.24 -4.13
N ARG B 139 -7.15 8.17 -4.64
CA ARG B 139 -6.20 8.28 -5.76
C ARG B 139 -6.40 7.28 -6.89
N HIS B 140 -5.84 7.61 -8.05
CA HIS B 140 -5.82 6.74 -9.23
C HIS B 140 -4.89 5.56 -8.94
N PRO B 141 -5.27 4.36 -9.41
CA PRO B 141 -4.55 3.11 -9.20
C PRO B 141 -3.02 3.22 -9.24
N GLN B 142 -2.48 3.98 -10.20
CA GLN B 142 -1.02 4.09 -10.38
C GLN B 142 -0.35 5.10 -9.43
N LYS B 143 -1.16 5.82 -8.68
CA LYS B 143 -0.64 6.66 -7.63
C LYS B 143 -0.64 5.89 -6.31
N LEU B 144 -0.95 4.60 -6.40
CA LEU B 144 -1.00 3.72 -5.22
C LEU B 144 0.35 3.08 -4.96
N ASP B 145 1.31 3.88 -4.52
CA ASP B 145 2.57 3.36 -4.01
C ASP B 145 2.25 2.46 -2.83
N GLY B 146 3.14 1.51 -2.55
CA GLY B 146 2.98 0.63 -1.39
C GLY B 146 1.85 -0.36 -1.58
N VAL B 147 1.60 -0.71 -2.83
CA VAL B 147 0.61 -1.72 -3.18
C VAL B 147 1.21 -2.64 -4.24
N SER B 148 1.02 -3.94 -4.07
CA SER B 148 1.62 -4.93 -4.97
C SER B 148 1.37 -4.56 -6.42
N ASP B 149 2.39 -4.81 -7.25
CA ASP B 149 2.32 -4.55 -8.67
C ASP B 149 1.10 -5.23 -9.28
N ARG B 150 0.74 -6.38 -8.72
CA ARG B 150 -0.26 -7.27 -9.28
C ARG B 150 -1.69 -6.82 -8.96
N LEU B 151 -1.85 -5.98 -7.93
CA LEU B 151 -3.16 -5.42 -7.56
C LEU B 151 -3.48 -4.17 -8.38
N VAL B 152 -2.46 -3.36 -8.64
CA VAL B 152 -2.63 -2.13 -9.41
C VAL B 152 -2.98 -2.47 -10.84
N SER B 153 -2.26 -3.44 -11.40
CA SER B 153 -2.51 -3.90 -12.75
C SER B 153 -3.80 -4.70 -12.82
N ARG B 154 -4.42 -4.93 -11.67
CA ARG B 154 -5.77 -5.49 -11.63
C ARG B 154 -6.80 -4.38 -11.58
N PHE B 155 -6.51 -3.34 -10.78
CA PHE B 155 -7.38 -2.17 -10.66
C PHE B 155 -7.56 -1.43 -12.00
N GLU B 156 -6.43 -1.08 -12.63
CA GLU B 156 -6.40 -0.66 -14.03
C GLU B 156 -6.67 -1.90 -14.82
N GLY B 157 -7.78 -1.93 -15.55
CA GLY B 157 -8.11 -3.12 -16.34
C GLY B 157 -9.56 -3.55 -16.17
N GLY B 158 -10.20 -3.05 -15.12
CA GLY B 158 -11.65 -3.11 -15.00
C GLY B 158 -12.23 -1.87 -15.63
N ILE B 159 -12.75 -0.98 -14.79
CA ILE B 159 -13.10 0.36 -15.23
C ILE B 159 -12.60 1.41 -14.24
N LEU B 160 -11.92 2.43 -14.76
CA LEU B 160 -11.49 3.55 -13.95
C LEU B 160 -12.41 4.75 -14.12
N VAL B 161 -13.03 5.14 -13.04
CA VAL B 161 -13.88 6.31 -13.04
C VAL B 161 -13.33 7.34 -12.06
N GLU B 162 -13.11 8.55 -12.55
CA GLU B 162 -12.83 9.68 -11.69
C GLU B 162 -14.12 10.42 -11.42
N ILE B 163 -14.16 11.17 -10.33
CA ILE B 163 -15.25 12.09 -10.07
C ILE B 163 -14.70 13.49 -9.91
N GLU B 164 -14.77 14.27 -10.97
CA GLU B 164 -14.26 15.64 -10.95
C GLU B 164 -15.42 16.63 -10.83
N LEU B 165 -15.57 17.21 -9.64
CA LEU B 165 -16.59 18.21 -9.39
C LEU B 165 -16.07 19.59 -9.72
N ASP B 166 -16.53 20.15 -10.83
CA ASP B 166 -16.04 21.45 -11.22
C ASP B 166 -17.11 22.52 -11.06
N ASN B 167 -17.38 23.25 -12.13
CA ASN B 167 -18.29 24.38 -12.09
C ASN B 167 -19.73 23.91 -12.21
N LYS B 168 -20.16 23.66 -13.44
CA LYS B 168 -21.53 23.29 -13.73
C LYS B 168 -21.91 21.96 -13.06
N THR B 169 -20.94 21.36 -12.38
CA THR B 169 -21.18 20.14 -11.62
C THR B 169 -21.79 20.47 -10.27
N ARG B 170 -21.01 21.07 -9.38
CA ARG B 170 -21.47 21.42 -8.04
C ARG B 170 -22.75 22.25 -8.07
N PHE B 171 -22.84 23.16 -9.04
CA PHE B 171 -24.03 24.00 -9.16
C PHE B 171 -25.27 23.18 -8.88
N LYS B 172 -25.37 22.01 -9.53
CA LYS B 172 -26.52 21.13 -9.32
C LYS B 172 -26.58 20.61 -7.90
N ILE B 173 -25.44 20.13 -7.40
CA ILE B 173 -25.34 19.65 -6.02
C ILE B 173 -25.75 20.74 -5.01
N ILE B 174 -25.44 22.00 -5.34
CA ILE B 174 -25.86 23.13 -4.51
C ILE B 174 -27.37 23.33 -4.62
N LYS B 175 -27.85 23.52 -5.86
CA LYS B 175 -29.23 23.86 -6.13
C LYS B 175 -30.19 22.73 -5.78
N GLU B 176 -29.67 21.52 -5.65
CA GLU B 176 -30.49 20.37 -5.27
C GLU B 176 -30.49 20.12 -3.76
N LYS B 177 -29.36 20.37 -3.11
CA LYS B 177 -29.23 20.12 -1.67
C LYS B 177 -30.00 21.13 -0.82
N LEU B 178 -30.53 22.16 -1.47
CA LEU B 178 -31.26 23.21 -0.77
C LEU B 178 -32.76 22.89 -0.55
N LYS B 179 -33.36 22.23 -1.53
CA LYS B 179 -34.73 21.72 -1.41
C LYS B 179 -34.81 20.64 -0.32
N GLU B 180 -33.65 20.11 0.04
CA GLU B 180 -33.51 19.21 1.19
C GLU B 180 -34.08 19.88 2.44
N PHE B 181 -33.96 21.20 2.49
CA PHE B 181 -34.62 22.01 3.50
C PHE B 181 -35.66 22.87 2.81
N ASN B 182 -35.58 24.17 3.01
CA ASN B 182 -36.44 25.09 2.28
C ASN B 182 -35.70 26.37 1.96
N LEU B 183 -34.75 26.26 1.04
CA LEU B 183 -33.85 27.36 0.70
C LEU B 183 -33.53 27.33 -0.79
N GLU B 184 -34.45 26.72 -1.54
CA GLU B 184 -34.28 26.30 -2.95
C GLU B 184 -33.94 27.36 -4.00
N LEU B 185 -33.99 28.65 -3.63
CA LEU B 185 -34.29 29.69 -4.63
C LEU B 185 -33.39 30.93 -4.71
N ARG B 186 -32.79 31.37 -3.59
CA ARG B 186 -32.11 32.69 -3.56
C ARG B 186 -30.64 32.77 -4.04
N LYS B 187 -30.40 33.59 -5.07
CA LYS B 187 -29.11 33.71 -5.73
C LYS B 187 -27.93 33.98 -4.78
N GLU B 188 -28.18 34.78 -3.75
CA GLU B 188 -27.14 35.19 -2.81
C GLU B 188 -26.53 34.00 -2.09
N VAL B 189 -27.39 33.08 -1.66
CA VAL B 189 -26.96 31.90 -0.92
C VAL B 189 -26.10 31.02 -1.82
N ILE B 190 -26.66 30.64 -2.97
CA ILE B 190 -25.98 29.77 -3.89
C ILE B 190 -24.63 30.34 -4.35
N ASP B 191 -24.60 31.60 -4.75
CA ASP B 191 -23.35 32.23 -5.18
C ASP B 191 -22.28 32.29 -4.07
N TYR B 192 -22.71 32.19 -2.81
CA TYR B 192 -21.74 32.04 -1.72
C TYR B 192 -21.24 30.61 -1.62
N LEU B 193 -22.16 29.66 -1.67
CA LEU B 193 -21.80 28.25 -1.61
C LEU B 193 -21.06 27.83 -2.88
N LEU B 194 -21.02 28.71 -3.86
CA LEU B 194 -20.27 28.44 -5.06
C LEU B 194 -18.79 28.79 -4.93
N GLU B 195 -18.49 29.98 -4.42
CA GLU B 195 -17.11 30.41 -4.28
C GLU B 195 -16.59 30.26 -2.85
N ASN B 196 -16.96 29.14 -2.23
CA ASN B 196 -16.54 28.84 -0.86
C ASN B 196 -16.45 27.36 -0.53
N THR B 197 -16.98 26.52 -1.42
CA THR B 197 -17.00 25.08 -1.18
C THR B 197 -16.38 24.30 -2.33
N LYS B 198 -15.52 23.33 -2.01
CA LYS B 198 -15.00 22.43 -3.03
C LYS B 198 -15.67 21.06 -3.02
N ASN B 199 -15.54 20.34 -1.89
CA ASN B 199 -16.19 19.03 -1.75
C ASN B 199 -17.64 19.14 -1.30
N VAL B 200 -18.37 18.03 -1.39
CA VAL B 200 -19.78 17.99 -0.96
C VAL B 200 -19.97 18.10 0.56
N ARG B 201 -19.03 17.56 1.34
CA ARG B 201 -19.05 17.74 2.79
C ARG B 201 -19.17 19.22 3.20
N GLU B 202 -18.34 20.10 2.62
CA GLU B 202 -18.44 21.55 2.84
C GLU B 202 -19.81 22.09 2.38
N ILE B 203 -20.29 21.59 1.24
CA ILE B 203 -21.56 22.01 0.67
C ILE B 203 -22.76 21.69 1.56
N GLU B 204 -22.70 20.60 2.33
CA GLU B 204 -23.72 20.38 3.35
C GLU B 204 -23.31 20.89 4.75
N GLY B 205 -22.01 21.09 4.93
CA GLY B 205 -21.48 21.63 6.17
C GLY B 205 -21.92 23.07 6.38
N LYS B 206 -21.92 23.85 5.30
CA LYS B 206 -22.44 25.21 5.34
C LYS B 206 -23.95 25.20 5.44
N ILE B 207 -24.62 24.54 4.49
CA ILE B 207 -26.09 24.59 4.36
C ILE B 207 -26.81 24.39 5.69
N LYS B 208 -26.48 23.30 6.40
CA LYS B 208 -27.07 23.04 7.71
C LYS B 208 -26.80 24.18 8.71
N LEU B 209 -25.55 24.64 8.75
CA LEU B 209 -25.17 25.78 9.56
C LEU B 209 -25.98 27.01 9.17
N ILE B 210 -26.16 27.19 7.85
CA ILE B 210 -26.97 28.28 7.32
C ILE B 210 -28.45 28.14 7.71
N LYS B 211 -28.97 26.92 7.65
CA LYS B 211 -30.34 26.67 8.08
C LYS B 211 -30.36 26.51 9.58
N LEU B 212 -29.91 27.54 10.29
CA LEU B 212 -29.77 27.48 11.74
C LEU B 212 -29.39 28.83 12.27
N LYS B 213 -28.14 29.22 12.04
CA LYS B 213 -27.71 30.60 12.23
C LYS B 213 -28.49 31.55 11.31
N GLY B 214 -28.75 31.11 10.08
CA GLY B 214 -29.32 31.97 9.06
C GLY B 214 -28.18 32.54 8.23
N PHE B 215 -28.39 32.68 6.93
CA PHE B 215 -27.31 32.97 5.98
C PHE B 215 -26.42 34.17 6.37
N GLU B 216 -27.04 35.22 6.88
CA GLU B 216 -26.32 36.47 7.18
C GLU B 216 -25.37 36.27 8.35
N GLY B 217 -25.68 35.28 9.18
CA GLY B 217 -24.80 34.88 10.27
C GLY B 217 -23.44 34.49 9.74
N LEU B 218 -23.44 33.71 8.67
CA LEU B 218 -22.21 33.20 8.08
C LEU B 218 -21.59 34.17 7.06
N GLU B 219 -22.13 35.37 6.96
CA GLU B 219 -21.53 36.41 6.12
C GLU B 219 -20.69 37.37 6.94
N ARG B 220 -20.88 37.34 8.25
CA ARG B 220 -20.05 38.13 9.15
C ARG B 220 -18.89 37.27 9.61
N LYS B 221 -19.21 36.11 10.20
CA LYS B 221 -18.20 35.21 10.73
C LYS B 221 -17.25 34.72 9.64
N GLU B 222 -17.81 34.20 8.55
CA GLU B 222 -17.01 33.70 7.44
C GLU B 222 -16.49 34.84 6.57
N ARG B 223 -16.80 36.07 6.96
CA ARG B 223 -16.36 37.23 6.21
C ARG B 223 -15.52 38.15 7.07
N LYS B 224 -15.32 37.80 8.35
CA LYS B 224 -14.53 38.63 9.26
C LYS B 224 -13.11 38.11 9.47
N GLU B 225 -13.00 36.83 9.85
CA GLU B 225 -11.68 36.25 10.06
C GLU B 225 -11.02 35.83 8.75
N ARG B 226 -11.79 35.92 7.67
CA ARG B 226 -11.25 35.79 6.33
C ARG B 226 -10.96 37.18 5.75
N ASP B 227 -11.19 38.21 6.57
CA ASP B 227 -10.91 39.58 6.20
C ASP B 227 -9.62 40.11 6.84
N LYS B 228 -9.09 39.38 7.82
CA LYS B 228 -7.72 39.60 8.27
C LYS B 228 -6.80 39.10 7.17
N LEU B 229 -7.29 38.13 6.40
CA LEU B 229 -6.63 37.67 5.20
C LEU B 229 -7.09 38.48 3.97
N MET B 230 -7.90 39.50 4.24
CA MET B 230 -8.08 40.58 3.28
C MET B 230 -6.81 41.44 3.31
N GLN B 231 -5.70 40.79 3.67
CA GLN B 231 -4.38 41.39 3.62
C GLN B 231 -3.86 41.34 2.18
N ILE B 232 -4.70 40.86 1.29
CA ILE B 232 -4.40 40.81 -0.13
C ILE B 232 -4.81 42.13 -0.81
N VAL B 233 -6.01 42.59 -0.50
CA VAL B 233 -6.47 43.91 -0.90
C VAL B 233 -5.71 44.98 -0.10
N GLU B 234 -5.05 44.54 0.97
CA GLU B 234 -4.37 45.45 1.90
C GLU B 234 -3.04 45.98 1.38
N PHE B 235 -2.06 45.10 1.15
CA PHE B 235 -0.70 45.57 0.92
C PHE B 235 0.17 44.82 -0.10
N VAL B 236 -0.01 43.51 -0.18
CA VAL B 236 0.81 42.71 -1.10
C VAL B 236 0.62 43.19 -2.53
N ALA B 237 -0.56 43.71 -2.82
CA ALA B 237 -0.88 44.21 -4.16
C ALA B 237 -0.26 45.58 -4.44
N ASN B 238 0.15 46.28 -3.39
CA ASN B 238 0.55 47.68 -3.52
C ASN B 238 2.05 47.97 -3.53
N TYR B 239 2.87 46.96 -3.25
CA TYR B 239 4.32 47.14 -3.33
C TYR B 239 4.83 46.87 -4.75
N TYR B 240 4.68 45.63 -5.22
CA TYR B 240 5.05 45.26 -6.60
C TYR B 240 3.82 45.10 -7.48
N ALA B 241 3.00 46.14 -7.54
CA ALA B 241 1.77 46.20 -8.36
C ALA B 241 1.34 44.89 -9.01
N VAL B 242 0.88 43.95 -8.20
CA VAL B 242 0.28 42.71 -8.70
C VAL B 242 -1.23 42.78 -8.57
N LYS B 243 -1.95 42.37 -9.62
CA LYS B 243 -3.41 42.39 -9.62
C LYS B 243 -3.98 41.26 -8.74
N VAL B 244 -5.12 41.54 -8.10
CA VAL B 244 -5.64 40.69 -7.03
C VAL B 244 -6.05 39.30 -7.48
N GLU B 245 -7.03 39.19 -8.37
CA GLU B 245 -7.49 37.89 -8.84
C GLU B 245 -6.35 37.09 -9.47
N ASP B 246 -5.35 37.78 -10.00
CA ASP B 246 -4.18 37.13 -10.57
C ASP B 246 -3.42 36.36 -9.49
N ILE B 247 -3.73 36.65 -8.23
CA ILE B 247 -3.08 36.00 -7.09
C ILE B 247 -3.70 34.64 -6.75
N LEU B 248 -4.92 34.40 -7.24
CA LEU B 248 -5.46 33.03 -7.32
C LEU B 248 -4.82 32.38 -8.54
N SER B 249 -3.49 32.34 -8.55
CA SER B 249 -2.72 32.33 -9.79
C SER B 249 -2.62 31.01 -10.53
N ASP B 250 -3.36 30.98 -11.60
CA ASP B 250 -3.24 29.97 -12.61
C ASP B 250 -2.08 30.39 -13.51
N LYS B 251 -0.87 29.97 -13.12
CA LYS B 251 0.38 30.32 -13.84
C LYS B 251 0.75 31.79 -13.69
N ASN B 253 4.41 34.06 -14.94
CA ASN B 253 5.18 35.23 -14.55
C ASN B 253 5.57 35.17 -13.08
N LYS B 254 6.81 35.52 -12.78
CA LYS B 254 7.32 35.44 -11.40
C LYS B 254 6.87 36.66 -10.57
N ARG B 255 5.99 37.48 -11.14
CA ARG B 255 5.38 38.61 -10.43
C ARG B 255 4.33 38.11 -9.44
N THR B 256 3.25 37.56 -9.98
CA THR B 256 2.15 37.02 -9.19
C THR B 256 2.50 35.61 -8.68
N SER B 257 3.80 35.33 -8.68
CA SER B 257 4.33 34.09 -8.12
C SER B 257 5.26 34.43 -6.97
N GLU B 258 6.09 35.46 -7.18
CA GLU B 258 6.94 36.00 -6.13
C GLU B 258 6.09 36.70 -5.07
N ALA B 259 4.98 37.30 -5.53
CA ALA B 259 3.99 37.89 -4.64
C ALA B 259 3.01 36.83 -4.14
N ARG B 260 2.88 35.74 -4.90
CA ARG B 260 2.09 34.59 -4.46
C ARG B 260 2.73 33.94 -3.24
N LYS B 261 4.02 33.60 -3.35
CA LYS B 261 4.75 33.02 -2.23
C LYS B 261 4.78 33.95 -1.01
N ILE B 262 4.76 35.25 -1.26
CA ILE B 262 4.90 36.25 -0.20
C ILE B 262 3.67 36.31 0.71
N ALA B 263 2.53 36.66 0.12
CA ALA B 263 1.29 36.89 0.88
C ALA B 263 1.03 35.81 1.91
N MET B 264 1.36 34.58 1.55
CA MET B 264 1.11 33.45 2.42
C MET B 264 2.03 33.46 3.64
N TYR B 265 3.27 33.91 3.45
CA TYR B 265 4.24 34.07 4.56
C TYR B 265 3.71 34.99 5.66
N LEU B 266 2.99 36.02 5.26
CA LEU B 266 2.52 37.03 6.18
C LEU B 266 1.36 36.49 7.01
N CYS B 267 0.37 35.93 6.33
CA CYS B 267 -0.79 35.36 6.97
C CYS B 267 -0.38 34.35 8.03
N ARG B 268 0.72 33.66 7.76
CA ARG B 268 1.24 32.66 8.66
C ARG B 268 1.90 33.27 9.92
N LYS B 269 2.68 34.33 9.74
CA LYS B 269 3.48 34.89 10.85
C LYS B 269 2.79 35.97 11.66
N VAL B 270 2.17 36.94 10.98
CA VAL B 270 1.48 38.02 11.67
C VAL B 270 0.09 37.60 12.10
N CYS B 271 -0.71 37.19 11.13
CA CYS B 271 -2.10 36.81 11.38
C CYS B 271 -2.23 35.40 11.96
N SER B 272 -1.08 34.74 12.15
CA SER B 272 -1.01 33.42 12.79
C SER B 272 -2.07 32.45 12.27
N ALA B 273 -2.31 32.50 10.96
CA ALA B 273 -3.33 31.68 10.31
C ALA B 273 -2.90 30.23 10.11
N SER B 274 -3.86 29.39 9.77
CA SER B 274 -3.61 27.97 9.60
C SER B 274 -3.24 27.66 8.17
N LEU B 275 -2.47 26.60 7.98
CA LEU B 275 -2.08 26.18 6.63
C LEU B 275 -3.31 26.02 5.75
N ILE B 276 -4.44 25.67 6.34
CA ILE B 276 -5.69 25.44 5.60
C ILE B 276 -6.42 26.76 5.33
N GLU B 277 -6.46 27.64 6.33
CA GLU B 277 -6.97 29.00 6.16
C GLU B 277 -6.22 29.69 5.04
N ILE B 278 -4.89 29.55 5.09
CA ILE B 278 -4.01 30.18 4.13
C ILE B 278 -4.18 29.52 2.78
N ALA B 279 -4.38 28.21 2.79
CA ALA B 279 -4.50 27.46 1.56
C ALA B 279 -5.84 27.66 0.87
N ARG B 280 -6.74 28.42 1.49
CA ARG B 280 -7.97 28.81 0.82
C ARG B 280 -7.84 30.18 0.13
N ALA B 281 -6.62 30.75 0.19
CA ALA B 281 -6.25 31.84 -0.70
C ALA B 281 -6.07 31.29 -2.11
N PHE B 282 -5.32 30.19 -2.21
CA PHE B 282 -5.11 29.47 -3.47
C PHE B 282 -6.37 28.69 -3.85
N LYS B 283 -7.44 29.41 -4.16
CA LYS B 283 -8.74 28.81 -4.50
C LYS B 283 -8.59 27.75 -5.59
N ASP B 286 -5.45 22.64 -1.32
CA ASP B 286 -4.15 22.00 -1.31
C ASP B 286 -3.26 22.59 -0.22
N HIS B 287 -2.79 21.74 0.68
CA HIS B 287 -2.07 22.20 1.86
C HIS B 287 -0.60 22.33 1.54
N THR B 288 -0.08 21.31 0.86
CA THR B 288 1.34 21.16 0.57
C THR B 288 1.97 22.41 -0.05
N THR B 289 1.26 23.01 -0.99
CA THR B 289 1.72 24.21 -1.70
C THR B 289 2.33 25.22 -0.73
N VAL B 290 1.52 25.63 0.25
CA VAL B 290 1.87 26.69 1.18
C VAL B 290 3.17 26.44 1.95
N ILE B 291 3.44 25.18 2.26
CA ILE B 291 4.53 24.83 3.18
C ILE B 291 5.93 25.29 2.71
N HIS B 292 6.43 24.72 1.63
CA HIS B 292 7.78 25.07 1.16
C HIS B 292 7.77 26.38 0.38
N ALA B 293 6.56 26.92 0.19
CA ALA B 293 6.40 28.29 -0.27
C ALA B 293 6.52 29.24 0.91
N ILE B 294 6.24 28.73 2.12
CA ILE B 294 6.41 29.50 3.36
C ILE B 294 7.80 29.30 3.94
N ARG B 295 8.46 28.22 3.50
CA ARG B 295 9.83 27.95 3.92
C ARG B 295 10.82 28.62 2.97
N SER B 296 10.57 28.50 1.67
CA SER B 296 11.46 29.05 0.64
C SER B 296 11.75 30.53 0.83
N VAL B 297 10.80 31.25 1.43
CA VAL B 297 10.98 32.67 1.76
C VAL B 297 12.17 32.85 2.70
N GLU B 298 12.26 32.01 3.72
CA GLU B 298 13.40 32.05 4.63
C GLU B 298 14.47 31.02 4.28
N GLU B 299 14.18 30.17 3.29
CA GLU B 299 15.20 29.36 2.63
C GLU B 299 16.09 30.30 1.82
N GLU B 300 15.52 31.44 1.44
CA GLU B 300 16.24 32.51 0.78
C GLU B 300 16.30 33.76 1.67
N LYS B 301 16.50 33.53 2.97
CA LYS B 301 16.59 34.62 3.95
C LYS B 301 17.99 35.21 4.00
N LYS B 302 18.98 34.34 4.13
CA LYS B 302 20.39 34.73 4.21
C LYS B 302 20.80 35.77 3.15
N ARG B 305 18.72 36.48 0.32
CA ARG B 305 19.90 37.25 -0.04
C ARG B 305 19.50 38.56 -0.70
N LYS B 306 19.88 39.68 -0.08
CA LYS B 306 19.41 40.99 -0.51
C LYS B 306 17.88 40.94 -0.59
N PHE B 307 17.26 40.60 0.53
CA PHE B 307 15.87 40.14 0.56
C PHE B 307 15.27 40.31 1.95
N LYS B 308 16.14 40.45 2.95
CA LYS B 308 15.74 40.43 4.36
C LYS B 308 14.90 41.64 4.81
N HIS B 309 15.58 42.72 5.19
CA HIS B 309 14.96 43.89 5.83
C HIS B 309 13.60 44.30 5.25
N LEU B 310 13.43 44.08 3.95
CA LEU B 310 12.13 44.29 3.27
C LEU B 310 11.00 43.66 4.08
N VAL B 311 11.08 42.34 4.24
CA VAL B 311 10.12 41.58 5.02
C VAL B 311 9.90 42.23 6.38
N GLY B 312 10.99 42.57 7.06
CA GLY B 312 10.94 43.24 8.36
C GLY B 312 10.13 44.52 8.34
N PHE B 313 10.19 45.23 7.21
CA PHE B 313 9.43 46.46 7.01
C PHE B 313 7.94 46.19 6.75
N LEU B 314 7.67 45.08 6.05
CA LEU B 314 6.30 44.62 5.86
C LEU B 314 5.70 44.14 7.17
N GLU B 315 6.47 43.36 7.92
CA GLU B 315 6.04 42.82 9.20
C GLU B 315 5.56 43.94 10.13
N LYS B 316 6.30 45.05 10.13
CA LYS B 316 5.93 46.24 10.89
C LYS B 316 4.59 46.80 10.40
N GLN B 317 4.45 46.92 9.08
CA GLN B 317 3.23 47.44 8.48
C GLN B 317 2.03 46.59 8.91
N ALA B 318 2.17 45.27 8.76
CA ALA B 318 1.13 44.33 9.16
C ALA B 318 0.84 44.41 10.66
N PHE B 319 1.89 44.50 11.46
CA PHE B 319 1.75 44.61 12.92
C PHE B 319 1.09 45.94 13.33
N ASP B 320 1.06 46.89 12.41
CA ASP B 320 0.43 48.18 12.66
C ASP B 320 -0.92 48.30 11.94
N LYS B 321 -0.97 47.78 10.71
CA LYS B 321 -2.18 47.85 9.90
C LYS B 321 -3.11 46.67 10.17
N ILE B 322 -2.70 45.78 11.06
CA ILE B 322 -3.48 44.59 11.38
C ILE B 322 -3.51 44.31 12.89
N CYS B 323 -2.58 44.91 13.64
CA CYS B 323 -2.52 44.72 15.09
C CYS B 323 -2.60 46.04 15.84
N ASP C 1 -15.87 -26.12 -12.10
CA ASP C 1 -16.15 -24.96 -11.19
C ASP C 1 -15.37 -23.74 -11.62
N PHE C 2 -14.16 -23.60 -11.09
CA PHE C 2 -13.37 -22.38 -11.22
C PHE C 2 -12.97 -21.99 -12.66
N LEU C 3 -13.55 -22.66 -13.65
CA LEU C 3 -13.27 -22.30 -15.04
C LEU C 3 -14.33 -21.36 -15.62
N ASN C 4 -13.94 -20.10 -15.80
CA ASN C 4 -14.80 -19.07 -16.38
C ASN C 4 -14.89 -19.15 -17.90
N PRO C 5 -16.11 -19.42 -18.42
CA PRO C 5 -16.39 -19.65 -19.84
C PRO C 5 -15.97 -18.53 -20.82
N LYS C 6 -15.75 -17.32 -20.30
CA LYS C 6 -15.45 -16.20 -21.19
C LYS C 6 -14.07 -16.26 -21.85
N TYR C 7 -13.17 -17.08 -21.28
CA TYR C 7 -11.82 -17.24 -21.81
C TYR C 7 -11.76 -18.39 -22.78
N THR C 8 -11.63 -18.13 -24.07
CA THR C 8 -11.59 -19.27 -24.94
C THR C 8 -10.41 -19.16 -25.92
N LEU C 9 -10.23 -20.14 -26.83
CA LEU C 9 -9.08 -20.14 -27.75
C LEU C 9 -9.20 -19.12 -28.91
N GLU C 10 -10.41 -18.83 -29.44
CA GLU C 10 -10.52 -17.75 -30.44
C GLU C 10 -10.78 -16.40 -29.72
N ASN C 11 -11.02 -16.50 -28.39
CA ASN C 11 -11.26 -15.39 -27.44
C ASN C 11 -9.93 -14.79 -26.93
N PHE C 12 -8.84 -15.44 -27.30
CA PHE C 12 -7.42 -15.06 -27.04
C PHE C 12 -6.95 -14.45 -28.34
N ILE C 13 -5.76 -13.83 -28.37
CA ILE C 13 -5.18 -13.24 -29.61
C ILE C 13 -3.73 -13.68 -29.80
N VAL C 14 -3.32 -13.90 -31.05
CA VAL C 14 -2.04 -14.55 -31.36
C VAL C 14 -1.02 -13.65 -32.08
N GLY C 15 0.13 -13.44 -31.45
CA GLY C 15 1.26 -12.72 -32.06
C GLY C 15 2.58 -13.43 -31.80
N GLU C 16 3.65 -12.92 -32.39
CA GLU C 16 4.98 -13.55 -32.28
C GLU C 16 5.58 -13.47 -30.89
N GLY C 17 4.79 -13.02 -29.92
CA GLY C 17 5.24 -12.93 -28.53
C GLY C 17 4.55 -13.92 -27.62
N ASN C 18 3.47 -14.52 -28.12
CA ASN C 18 2.72 -15.53 -27.37
C ASN C 18 2.37 -16.79 -28.17
N ARG C 19 2.63 -16.76 -29.47
CA ARG C 19 2.15 -17.82 -30.36
C ARG C 19 2.70 -19.17 -29.96
N LEU C 20 3.96 -19.19 -29.52
CA LEU C 20 4.62 -20.44 -29.18
C LEU C 20 3.91 -21.09 -28.02
N ALA C 21 3.78 -20.35 -26.92
CA ALA C 21 2.98 -20.79 -25.79
C ALA C 21 1.60 -21.23 -26.26
N TYR C 22 1.01 -20.46 -27.17
CA TYR C 22 -0.32 -20.74 -27.70
C TYR C 22 -0.39 -22.10 -28.40
N GLU C 23 0.54 -22.36 -29.30
CA GLU C 23 0.53 -23.62 -30.03
C GLU C 23 0.97 -24.80 -29.15
N VAL C 24 1.91 -24.54 -28.25
CA VAL C 24 2.29 -25.53 -27.24
C VAL C 24 1.05 -26.07 -26.54
N VAL C 25 0.14 -25.17 -26.18
CA VAL C 25 -1.08 -25.52 -25.48
C VAL C 25 -2.21 -25.91 -26.44
N LYS C 26 -2.09 -25.51 -27.70
CA LYS C 26 -3.09 -25.88 -28.71
C LYS C 26 -2.84 -27.30 -29.21
N GLU C 27 -1.59 -27.56 -29.61
CA GLU C 27 -1.16 -28.88 -30.07
C GLU C 27 -1.32 -29.92 -28.98
N ALA C 28 -0.82 -29.59 -27.78
CA ALA C 28 -0.74 -30.57 -26.69
C ALA C 28 -2.07 -30.79 -25.98
N LEU C 29 -3.13 -30.18 -26.48
CA LEU C 29 -4.45 -30.35 -25.91
C LEU C 29 -5.23 -31.46 -26.62
N GLU C 30 -4.76 -31.84 -27.79
CA GLU C 30 -5.46 -32.84 -28.58
C GLU C 30 -5.06 -34.26 -28.21
N ASN C 31 -3.81 -34.63 -28.46
CA ASN C 31 -3.26 -35.78 -27.75
C ASN C 31 -2.84 -35.31 -26.36
N LEU C 32 -3.74 -35.53 -25.41
CA LEU C 32 -3.63 -34.94 -24.09
C LEU C 32 -2.72 -35.77 -23.19
N GLY C 33 -1.75 -35.10 -22.58
CA GLY C 33 -0.85 -35.71 -21.59
C GLY C 33 0.21 -36.62 -22.22
N SER C 34 -0.02 -37.01 -23.46
CA SER C 34 0.89 -37.89 -24.13
C SER C 34 1.94 -37.08 -24.88
N LEU C 35 1.50 -36.10 -25.67
CA LEU C 35 2.39 -35.32 -26.53
C LEU C 35 3.58 -34.72 -25.77
N TYR C 36 3.33 -33.63 -25.04
CA TYR C 36 4.30 -33.18 -24.04
C TYR C 36 3.68 -32.63 -22.77
N ASN C 37 4.09 -33.21 -21.65
CA ASN C 37 3.32 -33.10 -20.43
C ASN C 37 3.62 -31.86 -19.60
N PRO C 38 4.84 -31.77 -19.02
CA PRO C 38 5.09 -30.61 -18.16
C PRO C 38 5.19 -29.32 -18.98
N ILE C 39 4.11 -28.55 -19.00
CA ILE C 39 4.07 -27.31 -19.75
C ILE C 39 4.22 -26.16 -18.78
N PHE C 40 5.37 -25.50 -18.80
CA PHE C 40 5.60 -24.39 -17.91
C PHE C 40 5.52 -23.08 -18.69
N ILE C 41 4.46 -22.32 -18.44
CA ILE C 41 4.19 -21.04 -19.12
C ILE C 41 4.53 -19.90 -18.17
N TYR C 42 5.38 -18.96 -18.61
CA TYR C 42 5.77 -17.82 -17.74
C TYR C 42 5.96 -16.48 -18.44
N GLY C 43 5.60 -15.40 -17.74
CA GLY C 43 5.76 -14.02 -18.26
C GLY C 43 5.34 -12.95 -17.26
N SER C 44 5.79 -11.72 -17.51
CA SER C 44 5.50 -10.57 -16.63
C SER C 44 4.01 -10.43 -16.35
N VAL C 45 3.66 -9.63 -15.35
CA VAL C 45 2.25 -9.48 -14.96
C VAL C 45 1.39 -8.99 -16.14
N GLY C 46 0.20 -9.55 -16.27
CA GLY C 46 -0.70 -9.24 -17.38
C GLY C 46 -0.12 -9.67 -18.72
N THR C 47 0.16 -10.96 -18.85
CA THR C 47 0.77 -11.49 -20.06
C THR C 47 -0.19 -12.42 -20.79
N GLY C 48 -1.30 -12.75 -20.13
CA GLY C 48 -2.32 -13.61 -20.71
C GLY C 48 -2.14 -15.06 -20.30
N LYS C 49 -1.32 -15.26 -19.27
CA LYS C 49 -1.04 -16.59 -18.77
C LYS C 49 -2.23 -17.22 -18.05
N THR C 50 -3.05 -16.39 -17.39
CA THR C 50 -4.28 -16.87 -16.77
C THR C 50 -5.34 -17.22 -17.81
N HIS C 51 -5.36 -16.44 -18.90
CA HIS C 51 -6.27 -16.68 -20.01
C HIS C 51 -6.04 -18.10 -20.53
N LEU C 52 -4.80 -18.37 -20.91
CA LEU C 52 -4.42 -19.60 -21.56
C LEU C 52 -4.85 -20.83 -20.77
N LEU C 53 -4.47 -20.88 -19.50
CA LEU C 53 -4.84 -22.00 -18.64
C LEU C 53 -6.35 -22.13 -18.57
N GLN C 54 -7.03 -21.01 -18.43
CA GLN C 54 -8.49 -20.99 -18.37
C GLN C 54 -9.11 -21.47 -19.69
N ALA C 55 -8.55 -20.98 -20.80
CA ALA C 55 -9.06 -21.32 -22.12
C ALA C 55 -8.81 -22.78 -22.48
N ALA C 56 -7.70 -23.31 -22.00
CA ALA C 56 -7.38 -24.71 -22.18
C ALA C 56 -8.43 -25.59 -21.51
N GLY C 57 -8.51 -25.49 -20.18
CA GLY C 57 -9.42 -26.30 -19.38
C GLY C 57 -10.86 -26.27 -19.87
N ASN C 58 -11.26 -25.16 -20.48
CA ASN C 58 -12.59 -25.04 -21.06
C ASN C 58 -12.79 -26.06 -22.18
N GLU C 59 -11.96 -25.96 -23.21
CA GLU C 59 -12.02 -26.89 -24.34
C GLU C 59 -11.99 -28.34 -23.89
N ALA C 60 -11.12 -28.64 -22.92
CA ALA C 60 -11.03 -29.98 -22.37
C ALA C 60 -12.36 -30.47 -21.78
N LYS C 61 -12.98 -29.68 -20.90
CA LYS C 61 -14.27 -30.06 -20.33
C LYS C 61 -15.40 -30.03 -21.35
N LYS C 62 -15.21 -29.27 -22.43
CA LYS C 62 -16.11 -29.34 -23.60
C LYS C 62 -16.01 -30.72 -24.20
N ARG C 63 -14.77 -31.20 -24.34
CA ARG C 63 -14.52 -32.54 -24.86
C ARG C 63 -14.72 -33.61 -23.78
N GLY C 64 -15.12 -33.18 -22.58
CA GLY C 64 -15.47 -34.10 -21.51
C GLY C 64 -14.35 -34.42 -20.52
N TYR C 65 -13.12 -34.12 -20.91
CA TYR C 65 -11.94 -34.47 -20.09
C TYR C 65 -11.92 -33.75 -18.75
N ARG C 66 -11.75 -34.54 -17.68
CA ARG C 66 -11.86 -34.09 -16.30
C ARG C 66 -10.80 -33.05 -15.93
N VAL C 67 -11.24 -31.80 -15.79
CA VAL C 67 -10.30 -30.68 -15.57
C VAL C 67 -10.29 -30.17 -14.12
N ILE C 68 -9.13 -29.65 -13.69
CA ILE C 68 -9.02 -28.83 -12.47
C ILE C 68 -8.15 -27.58 -12.70
N TYR C 69 -8.76 -26.42 -12.50
CA TYR C 69 -8.00 -25.19 -12.43
C TYR C 69 -7.79 -24.84 -10.96
N SER C 70 -6.73 -24.09 -10.67
CA SER C 70 -6.44 -23.61 -9.33
C SER C 70 -5.20 -22.75 -9.33
N SER C 71 -5.20 -21.73 -8.47
CA SER C 71 -3.98 -21.00 -8.15
C SER C 71 -3.21 -21.80 -7.12
N ALA C 72 -1.90 -21.64 -7.09
CA ALA C 72 -1.05 -22.40 -6.19
C ALA C 72 -1.36 -22.05 -4.74
N ASP C 73 -1.71 -20.81 -4.47
CA ASP C 73 -2.06 -20.39 -3.11
C ASP C 73 -3.48 -20.84 -2.73
N ASP C 74 -4.29 -21.15 -3.77
CA ASP C 74 -5.64 -21.70 -3.61
C ASP C 74 -5.48 -23.16 -3.19
N PHE C 75 -4.50 -23.82 -3.81
CA PHE C 75 -4.14 -25.19 -3.51
C PHE C 75 -3.64 -25.30 -2.07
N ALA C 76 -2.76 -24.36 -1.70
CA ALA C 76 -2.21 -24.30 -0.36
C ALA C 76 -3.31 -24.23 0.71
N GLN C 77 -4.08 -23.15 0.70
CA GLN C 77 -5.19 -22.99 1.63
C GLN C 77 -6.09 -24.22 1.64
N ALA C 78 -6.31 -24.81 0.47
CA ALA C 78 -7.22 -25.94 0.31
C ALA C 78 -6.67 -27.19 1.00
N MET C 79 -5.35 -27.33 0.96
CA MET C 79 -4.69 -28.43 1.62
C MET C 79 -4.91 -28.33 3.11
N VAL C 80 -4.37 -27.26 3.72
CA VAL C 80 -4.50 -27.03 5.16
C VAL C 80 -5.94 -27.19 5.63
N GLU C 81 -6.89 -26.74 4.81
CA GLU C 81 -8.30 -26.91 5.09
C GLU C 81 -8.66 -28.38 5.26
N HIS C 82 -8.39 -29.17 4.22
CA HIS C 82 -8.66 -30.61 4.25
C HIS C 82 -7.86 -31.27 5.35
N LEU C 83 -6.59 -30.89 5.44
CA LEU C 83 -5.69 -31.37 6.47
C LEU C 83 -6.30 -31.18 7.86
N LYS C 84 -6.62 -29.94 8.20
CA LYS C 84 -7.15 -29.62 9.53
C LYS C 84 -8.47 -30.34 9.81
N LYS C 85 -9.27 -30.54 8.76
CA LYS C 85 -10.54 -31.24 8.91
C LYS C 85 -10.37 -32.76 8.98
N GLY C 86 -9.15 -33.22 8.70
CA GLY C 86 -8.81 -34.65 8.80
C GLY C 86 -9.12 -35.45 7.55
N THR C 87 -9.30 -34.76 6.43
CA THR C 87 -9.69 -35.41 5.19
C THR C 87 -8.77 -35.02 4.02
N ILE C 88 -7.48 -35.34 4.18
CA ILE C 88 -6.48 -35.07 3.14
C ILE C 88 -6.57 -36.13 2.05
N ASN C 89 -7.12 -37.29 2.40
CA ASN C 89 -7.17 -38.44 1.51
C ASN C 89 -7.96 -38.14 0.23
N GLU C 90 -9.20 -37.67 0.40
CA GLU C 90 -10.05 -37.34 -0.74
C GLU C 90 -9.55 -36.12 -1.51
N PHE C 91 -8.65 -35.37 -0.89
CA PHE C 91 -8.02 -34.21 -1.55
C PHE C 91 -7.06 -34.66 -2.63
N ARG C 92 -6.06 -35.44 -2.24
CA ARG C 92 -5.12 -36.02 -3.17
C ARG C 92 -5.88 -36.68 -4.29
N ASN C 93 -6.71 -37.65 -3.91
CA ASN C 93 -7.40 -38.48 -4.89
C ASN C 93 -8.19 -37.66 -5.91
N MET C 94 -8.84 -36.59 -5.45
CA MET C 94 -9.49 -35.65 -6.35
C MET C 94 -8.49 -35.12 -7.38
N TYR C 95 -7.38 -34.57 -6.90
CA TYR C 95 -6.36 -33.98 -7.75
C TYR C 95 -5.65 -34.97 -8.70
N LYS C 96 -5.57 -36.25 -8.30
CA LYS C 96 -4.92 -37.28 -9.11
C LYS C 96 -5.88 -37.87 -10.13
N SER C 97 -7.14 -37.46 -10.04
CA SER C 97 -8.18 -38.01 -10.87
C SER C 97 -8.45 -37.19 -12.11
N VAL C 98 -7.62 -36.17 -12.36
CA VAL C 98 -7.83 -35.30 -13.53
C VAL C 98 -7.02 -35.73 -14.73
N ASP C 99 -7.57 -35.44 -15.91
CA ASP C 99 -6.88 -35.66 -17.18
C ASP C 99 -6.05 -34.42 -17.52
N LEU C 100 -6.37 -33.31 -16.86
CA LEU C 100 -5.70 -32.05 -17.09
C LEU C 100 -5.63 -31.24 -15.78
N LEU C 101 -4.43 -31.07 -15.26
CA LEU C 101 -4.21 -30.17 -14.13
C LEU C 101 -3.68 -28.80 -14.60
N LEU C 102 -4.32 -27.74 -14.13
CA LEU C 102 -3.91 -26.39 -14.46
C LEU C 102 -3.49 -25.67 -13.18
N LEU C 103 -2.19 -25.55 -12.95
CA LEU C 103 -1.74 -24.81 -11.77
C LEU C 103 -1.26 -23.42 -12.12
N ASP C 104 -2.03 -22.44 -11.66
CA ASP C 104 -1.82 -21.05 -12.02
C ASP C 104 -1.09 -20.31 -10.91
N ASP C 105 -0.22 -19.39 -11.31
CA ASP C 105 0.58 -18.61 -10.36
C ASP C 105 1.33 -19.53 -9.39
N VAL C 106 2.37 -20.18 -9.89
CA VAL C 106 3.16 -21.14 -9.11
C VAL C 106 4.14 -20.44 -8.16
N GLN C 107 4.50 -19.21 -8.50
CA GLN C 107 5.40 -18.41 -7.69
C GLN C 107 5.02 -18.44 -6.21
N PHE C 108 3.72 -18.65 -5.94
CA PHE C 108 3.21 -18.66 -4.57
C PHE C 108 3.40 -19.98 -3.86
N LEU C 109 4.34 -20.77 -4.35
CA LEU C 109 4.75 -21.97 -3.66
C LEU C 109 5.88 -21.69 -2.66
N SER C 110 6.74 -20.71 -2.98
CA SER C 110 7.89 -20.35 -2.13
C SER C 110 7.57 -20.36 -0.64
N GLY C 111 8.39 -21.08 0.13
CA GLY C 111 8.30 -21.06 1.60
C GLY C 111 7.42 -22.13 2.22
N LYS C 112 6.60 -22.77 1.40
CA LYS C 112 5.60 -23.72 1.89
C LYS C 112 6.06 -25.14 1.66
N GLU C 113 6.09 -25.95 2.72
CA GLU C 113 6.64 -27.31 2.64
C GLU C 113 5.57 -28.34 2.36
N ARG C 114 4.99 -28.92 3.41
CA ARG C 114 3.85 -29.84 3.26
C ARG C 114 2.89 -29.17 2.29
N THR C 115 2.84 -27.85 2.42
CA THR C 115 2.07 -26.96 1.59
C THR C 115 2.51 -27.04 0.11
N GLN C 116 3.50 -27.90 -0.17
CA GLN C 116 4.22 -27.95 -1.46
C GLN C 116 4.71 -29.38 -1.77
N ILE C 117 5.18 -30.07 -0.73
CA ILE C 117 5.51 -31.50 -0.78
C ILE C 117 4.32 -32.31 -1.32
N GLU C 118 3.10 -31.84 -1.01
CA GLU C 118 1.89 -32.54 -1.39
C GLU C 118 1.61 -32.46 -2.90
N PHE C 119 2.00 -31.34 -3.52
CA PHE C 119 1.88 -31.15 -4.96
C PHE C 119 2.77 -32.14 -5.66
N PHE C 120 3.98 -32.24 -5.15
CA PHE C 120 5.00 -33.17 -5.65
C PHE C 120 4.36 -34.47 -6.12
N HIS C 121 3.70 -35.16 -5.21
CA HIS C 121 3.03 -36.45 -5.51
C HIS C 121 2.00 -36.38 -6.63
N ILE C 122 0.97 -35.53 -6.44
CA ILE C 122 0.02 -35.18 -7.50
C ILE C 122 0.74 -35.14 -8.84
N PHE C 123 1.68 -34.21 -8.95
CA PHE C 123 2.53 -34.10 -10.13
C PHE C 123 3.03 -35.47 -10.59
N ASN C 124 3.95 -36.04 -9.81
CA ASN C 124 4.52 -37.33 -10.12
C ASN C 124 3.49 -38.36 -10.59
N THR C 125 2.43 -38.54 -9.80
CA THR C 125 1.36 -39.43 -10.23
C THR C 125 0.87 -39.03 -11.61
N LEU C 126 0.14 -37.91 -11.71
CA LEU C 126 -0.44 -37.51 -12.99
C LEU C 126 0.54 -37.80 -14.11
N TYR C 127 1.81 -37.48 -13.85
CA TYR C 127 2.81 -37.55 -14.89
C TYR C 127 3.01 -38.97 -15.38
N LEU C 128 3.30 -39.88 -14.46
CA LEU C 128 3.48 -41.28 -14.83
C LEU C 128 2.29 -41.82 -15.63
N LEU C 129 1.09 -41.36 -15.29
CA LEU C 129 -0.12 -41.74 -16.00
C LEU C 129 -0.35 -40.94 -17.28
N GLU C 130 0.65 -40.14 -17.68
CA GLU C 130 0.59 -39.39 -18.93
C GLU C 130 -0.60 -38.46 -18.95
N LYS C 131 -0.92 -37.88 -17.79
CA LYS C 131 -2.06 -36.98 -17.68
C LYS C 131 -1.61 -35.51 -17.69
N GLN C 132 -2.29 -34.69 -18.49
CA GLN C 132 -1.81 -33.34 -18.82
C GLN C 132 -1.53 -32.45 -17.60
N ILE C 133 -0.39 -31.76 -17.65
CA ILE C 133 0.07 -30.96 -16.53
C ILE C 133 0.64 -29.60 -16.99
N ILE C 134 -0.16 -28.54 -16.85
CA ILE C 134 0.24 -27.19 -17.28
C ILE C 134 0.37 -26.22 -16.10
N LEU C 135 1.57 -25.69 -15.92
CA LEU C 135 1.87 -24.77 -14.81
C LEU C 135 2.11 -23.36 -15.32
N ALA C 136 1.74 -22.36 -14.51
CA ALA C 136 1.95 -20.95 -14.86
C ALA C 136 2.74 -20.17 -13.80
N SER C 137 3.56 -19.21 -14.23
CA SER C 137 4.38 -18.39 -13.32
C SER C 137 4.72 -17.01 -13.89
N ASP C 138 5.06 -16.07 -13.01
CA ASP C 138 5.48 -14.73 -13.41
C ASP C 138 6.98 -14.69 -13.69
N ARG C 139 7.69 -15.72 -13.22
CA ARG C 139 9.14 -15.82 -13.39
C ARG C 139 9.58 -17.17 -13.92
N HIS C 140 10.82 -17.22 -14.40
CA HIS C 140 11.45 -18.46 -14.86
C HIS C 140 11.64 -19.42 -13.69
N PRO C 141 11.52 -20.74 -13.96
CA PRO C 141 11.70 -21.76 -12.92
C PRO C 141 12.89 -21.49 -12.01
N GLN C 142 14.06 -21.26 -12.60
CA GLN C 142 15.28 -21.04 -11.82
C GLN C 142 15.25 -19.75 -11.01
N LYS C 143 14.21 -18.95 -11.19
CA LYS C 143 14.02 -17.76 -10.40
C LYS C 143 13.12 -18.04 -9.20
N LEU C 144 12.61 -19.26 -9.13
CA LEU C 144 11.63 -19.64 -8.09
C LEU C 144 12.31 -20.15 -6.83
N ASP C 145 12.72 -19.23 -5.96
CA ASP C 145 13.44 -19.60 -4.76
C ASP C 145 12.49 -20.03 -3.65
N GLY C 146 12.98 -20.86 -2.74
CA GLY C 146 12.15 -21.44 -1.69
C GLY C 146 11.29 -22.58 -2.22
N VAL C 147 11.57 -22.98 -3.46
CA VAL C 147 10.86 -24.07 -4.11
C VAL C 147 11.83 -25.20 -4.44
N SER C 148 11.46 -26.43 -4.06
CA SER C 148 12.35 -27.60 -4.14
C SER C 148 13.07 -27.73 -5.46
N ASP C 149 14.36 -27.99 -5.40
CA ASP C 149 15.15 -28.21 -6.59
C ASP C 149 14.50 -29.36 -7.36
N ARG C 150 14.06 -30.37 -6.60
CA ARG C 150 13.34 -31.52 -7.16
C ARG C 150 12.09 -31.10 -7.91
N LEU C 151 11.38 -30.11 -7.39
CA LEU C 151 10.26 -29.53 -8.11
C LEU C 151 10.71 -28.67 -9.29
N VAL C 152 11.82 -27.96 -9.12
CA VAL C 152 12.33 -27.13 -10.22
C VAL C 152 12.83 -27.99 -11.36
N SER C 153 13.58 -29.04 -11.02
CA SER C 153 13.97 -30.02 -12.02
C SER C 153 12.74 -30.54 -12.74
N ARG C 154 11.71 -30.89 -11.97
CA ARG C 154 10.45 -31.31 -12.56
C ARG C 154 9.99 -30.26 -13.58
N PHE C 155 10.04 -28.98 -13.19
CA PHE C 155 9.51 -27.90 -14.03
C PHE C 155 10.32 -27.70 -15.33
N GLU C 156 11.62 -27.51 -15.18
CA GLU C 156 12.50 -27.27 -16.31
C GLU C 156 12.56 -28.46 -17.26
N GLY C 157 12.17 -29.64 -16.76
CA GLY C 157 12.17 -30.85 -17.58
C GLY C 157 11.24 -30.77 -18.76
N GLY C 158 10.00 -30.37 -18.50
CA GLY C 158 9.02 -30.16 -19.56
C GLY C 158 9.38 -28.97 -20.44
N ILE C 159 8.38 -28.38 -21.08
CA ILE C 159 8.64 -27.22 -21.94
C ILE C 159 8.43 -25.93 -21.18
N LEU C 160 9.46 -25.07 -21.23
CA LEU C 160 9.35 -23.69 -20.80
C LEU C 160 8.91 -22.86 -22.00
N VAL C 161 7.84 -22.10 -21.83
CA VAL C 161 7.51 -21.06 -22.80
C VAL C 161 7.35 -19.71 -22.12
N GLU C 162 8.23 -18.78 -22.52
CA GLU C 162 8.10 -17.41 -22.08
C GLU C 162 7.04 -16.76 -22.92
N ILE C 163 6.41 -15.74 -22.37
CA ILE C 163 5.58 -14.85 -23.15
C ILE C 163 6.10 -13.46 -22.97
N GLU C 164 6.60 -12.89 -24.05
CA GLU C 164 6.99 -11.50 -24.08
C GLU C 164 6.36 -10.85 -25.29
N LEU C 165 5.59 -9.78 -25.07
CA LEU C 165 4.92 -9.05 -26.13
C LEU C 165 5.66 -7.74 -26.38
N ASP C 166 6.47 -7.66 -27.45
CA ASP C 166 7.43 -6.57 -27.50
C ASP C 166 6.99 -5.27 -28.18
N ASN C 167 6.83 -5.30 -29.50
CA ASN C 167 6.36 -4.13 -30.23
C ASN C 167 5.36 -4.61 -31.26
N LYS C 168 5.83 -5.52 -32.10
CA LYS C 168 5.03 -6.09 -33.19
C LYS C 168 3.86 -6.89 -32.66
N THR C 169 4.08 -7.56 -31.53
CA THR C 169 3.06 -8.42 -30.94
C THR C 169 1.81 -7.63 -30.55
N ARG C 170 2.01 -6.51 -29.86
CA ARG C 170 0.91 -5.75 -29.26
C ARG C 170 -0.06 -5.16 -30.29
N PHE C 171 0.49 -4.60 -31.37
CA PHE C 171 -0.35 -4.00 -32.42
C PHE C 171 -1.52 -4.91 -32.76
N LYS C 172 -1.24 -6.20 -32.90
CA LYS C 172 -2.27 -7.18 -33.25
C LYS C 172 -3.34 -7.34 -32.17
N ILE C 173 -2.93 -7.24 -30.91
CA ILE C 173 -3.88 -7.31 -29.79
C ILE C 173 -4.75 -6.06 -29.75
N ILE C 174 -4.13 -4.90 -29.78
CA ILE C 174 -4.87 -3.64 -29.86
C ILE C 174 -5.84 -3.69 -31.04
N LYS C 175 -5.30 -3.96 -32.23
CA LYS C 175 -6.09 -4.02 -33.46
C LYS C 175 -7.34 -4.88 -33.29
N GLU C 176 -7.16 -6.04 -32.66
CA GLU C 176 -8.25 -7.00 -32.51
C GLU C 176 -9.12 -6.69 -31.29
N LYS C 177 -8.56 -6.00 -30.30
CA LYS C 177 -9.33 -5.54 -29.15
C LYS C 177 -10.17 -4.33 -29.49
N LEU C 178 -9.65 -3.48 -30.37
CA LEU C 178 -10.41 -2.37 -30.93
C LEU C 178 -11.61 -2.88 -31.75
N LYS C 179 -11.38 -3.94 -32.53
CA LYS C 179 -12.47 -4.58 -33.30
C LYS C 179 -13.44 -5.31 -32.40
N GLU C 180 -12.92 -5.84 -31.29
CA GLU C 180 -13.73 -6.60 -30.35
C GLU C 180 -14.79 -5.73 -29.70
N PHE C 181 -14.41 -4.50 -29.39
CA PHE C 181 -15.34 -3.61 -28.69
C PHE C 181 -16.28 -2.84 -29.66
N ASN C 182 -16.11 -3.01 -31.00
CA ASN C 182 -16.88 -2.29 -32.05
C ASN C 182 -16.51 -0.77 -32.06
N LEU C 183 -15.17 -0.55 -32.05
CA LEU C 183 -14.43 0.74 -32.08
C LEU C 183 -13.75 0.95 -33.46
N GLU C 184 -13.60 2.18 -33.98
CA GLU C 184 -12.98 2.40 -35.32
C GLU C 184 -11.46 2.54 -35.28
N LEU C 185 -10.76 1.60 -35.88
CA LEU C 185 -9.30 1.64 -35.90
C LEU C 185 -8.77 2.95 -36.52
N ARG C 186 -8.09 3.78 -35.70
CA ARG C 186 -7.50 5.03 -36.21
C ARG C 186 -6.10 5.30 -35.62
N LYS C 187 -5.21 5.84 -36.45
CA LYS C 187 -3.79 6.01 -36.10
C LYS C 187 -3.52 6.68 -34.76
N GLU C 188 -4.33 7.68 -34.40
CA GLU C 188 -4.19 8.36 -33.11
C GLU C 188 -4.69 7.46 -31.99
N VAL C 189 -5.74 6.69 -32.28
CA VAL C 189 -6.29 5.72 -31.34
C VAL C 189 -5.24 4.64 -31.07
N ILE C 190 -4.77 4.04 -32.16
CA ILE C 190 -3.85 2.93 -32.10
C ILE C 190 -2.48 3.36 -31.56
N ASP C 191 -1.99 4.54 -31.97
CA ASP C 191 -0.64 4.99 -31.63
C ASP C 191 -0.45 5.39 -30.18
N TYR C 192 -1.48 6.00 -29.59
CA TYR C 192 -1.42 6.34 -28.17
C TYR C 192 -1.24 5.06 -27.37
N LEU C 193 -2.18 4.12 -27.57
CA LEU C 193 -2.17 2.87 -26.84
C LEU C 193 -0.83 2.13 -26.95
N LEU C 194 -0.09 2.42 -28.02
CA LEU C 194 1.24 1.85 -28.19
C LEU C 194 2.21 2.40 -27.15
N GLU C 195 2.39 3.71 -27.12
CA GLU C 195 3.38 4.31 -26.26
C GLU C 195 2.87 4.56 -24.84
N ASN C 196 1.77 3.90 -24.48
CA ASN C 196 1.13 4.16 -23.20
C ASN C 196 0.56 2.93 -22.48
N THR C 197 0.71 1.76 -23.08
CA THR C 197 0.32 0.50 -22.42
C THR C 197 1.46 -0.52 -22.47
N LYS C 198 1.40 -1.51 -21.58
CA LYS C 198 2.34 -2.62 -21.60
C LYS C 198 1.63 -3.97 -21.50
N ASN C 199 1.17 -4.31 -20.28
CA ASN C 199 0.34 -5.50 -20.10
C ASN C 199 -1.01 -5.38 -20.81
N VAL C 200 -1.62 -6.51 -21.13
CA VAL C 200 -2.89 -6.52 -21.87
C VAL C 200 -4.05 -6.03 -21.02
N ARG C 201 -3.89 -6.05 -19.70
CA ARG C 201 -4.83 -5.37 -18.80
C ARG C 201 -4.88 -3.88 -19.10
N GLU C 202 -3.71 -3.26 -19.18
CA GLU C 202 -3.62 -1.85 -19.56
C GLU C 202 -4.35 -1.59 -20.88
N ILE C 203 -3.99 -2.34 -21.91
CA ILE C 203 -4.70 -2.25 -23.19
C ILE C 203 -6.22 -2.22 -22.97
N GLU C 204 -6.77 -3.31 -22.47
CA GLU C 204 -8.20 -3.37 -22.22
C GLU C 204 -8.55 -2.66 -20.90
N GLY C 205 -8.94 -1.40 -21.00
CA GLY C 205 -9.16 -0.57 -19.83
C GLY C 205 -9.04 0.89 -20.22
N LYS C 206 -8.06 1.17 -21.08
CA LYS C 206 -8.07 2.40 -21.83
C LYS C 206 -9.17 2.28 -22.87
N ILE C 207 -9.22 1.13 -23.54
CA ILE C 207 -10.30 0.86 -24.48
C ILE C 207 -11.67 0.96 -23.80
N LYS C 208 -11.79 0.35 -22.63
CA LYS C 208 -13.02 0.47 -21.84
C LYS C 208 -13.34 1.94 -21.52
N LEU C 209 -12.32 2.71 -21.18
CA LEU C 209 -12.46 4.13 -20.96
C LEU C 209 -12.92 4.84 -22.22
N ILE C 210 -12.26 4.58 -23.34
CA ILE C 210 -12.56 5.29 -24.58
C ILE C 210 -13.84 4.80 -25.26
N LYS C 211 -14.38 3.69 -24.78
CA LYS C 211 -15.72 3.27 -25.16
C LYS C 211 -16.79 4.02 -24.39
N LEU C 212 -16.37 4.82 -23.41
CA LEU C 212 -17.29 5.56 -22.57
C LEU C 212 -17.07 7.06 -22.60
N LYS C 213 -15.93 7.53 -22.08
CA LYS C 213 -15.60 8.96 -22.19
C LYS C 213 -14.78 9.32 -23.43
N GLY C 214 -15.40 9.13 -24.60
CA GLY C 214 -14.83 9.54 -25.87
C GLY C 214 -13.48 8.94 -26.16
N PHE C 215 -12.65 9.67 -26.89
CA PHE C 215 -11.26 9.31 -27.07
C PHE C 215 -10.36 10.47 -26.66
N GLU C 216 -10.48 11.60 -27.36
CA GLU C 216 -9.72 12.82 -27.02
C GLU C 216 -10.17 13.41 -25.69
N GLY C 217 -11.39 13.10 -25.28
CA GLY C 217 -11.90 13.43 -23.96
C GLY C 217 -11.04 12.78 -22.88
N LEU C 218 -10.11 11.95 -23.32
CA LEU C 218 -9.14 11.36 -22.42
C LEU C 218 -7.70 11.38 -22.93
N GLU C 219 -7.49 11.67 -24.22
CA GLU C 219 -6.14 12.04 -24.68
C GLU C 219 -5.75 13.36 -24.05
N ARG C 220 -6.76 14.05 -23.53
CA ARG C 220 -6.55 15.28 -22.77
C ARG C 220 -5.94 14.96 -21.40
N LYS C 221 -6.77 14.46 -20.48
CA LYS C 221 -6.33 14.22 -19.11
C LYS C 221 -5.13 13.26 -19.01
N GLU C 222 -5.22 12.14 -19.72
CA GLU C 222 -4.12 11.17 -19.76
C GLU C 222 -2.81 11.82 -20.17
N ARG C 223 -2.78 12.42 -21.36
CA ARG C 223 -1.57 13.09 -21.81
C ARG C 223 -1.30 14.38 -21.02
N LYS C 224 -2.25 14.78 -20.17
CA LYS C 224 -2.10 15.99 -19.36
C LYS C 224 -1.35 15.80 -18.04
N GLU C 225 -1.66 14.75 -17.30
CA GLU C 225 -0.91 14.45 -16.08
C GLU C 225 0.45 13.81 -16.39
N ARG C 226 0.63 13.37 -17.63
CA ARG C 226 1.93 12.93 -18.12
C ARG C 226 2.62 14.10 -18.83
N ASP C 227 1.87 15.18 -19.03
CA ASP C 227 2.40 16.43 -19.54
C ASP C 227 3.12 17.19 -18.43
N LYS C 228 2.57 17.14 -17.22
CA LYS C 228 3.23 17.72 -16.04
C LYS C 228 4.48 16.91 -15.69
N LEU C 229 4.59 15.73 -16.29
CA LEU C 229 5.78 14.90 -16.15
C LEU C 229 6.73 15.09 -17.31
N MET C 230 6.34 15.92 -18.28
CA MET C 230 7.25 16.31 -19.35
C MET C 230 8.37 17.16 -18.76
N GLN C 231 8.84 16.76 -17.58
CA GLN C 231 9.84 17.48 -16.82
C GLN C 231 11.24 17.23 -17.35
N ILE C 232 11.34 16.38 -18.38
CA ILE C 232 12.63 16.02 -18.92
C ILE C 232 13.05 16.91 -20.10
N VAL C 233 12.14 17.11 -21.04
CA VAL C 233 12.33 18.08 -22.12
C VAL C 233 12.36 19.50 -21.54
N GLU C 234 11.78 19.65 -20.36
CA GLU C 234 11.68 20.94 -19.69
C GLU C 234 13.05 21.53 -19.32
N PHE C 235 13.78 20.86 -18.43
CA PHE C 235 14.97 21.48 -17.82
C PHE C 235 16.26 20.65 -17.93
N VAL C 236 16.27 19.47 -17.32
CA VAL C 236 17.50 18.66 -17.22
C VAL C 236 18.14 18.41 -18.59
N ALA C 237 17.32 18.39 -19.63
CA ALA C 237 17.79 18.18 -21.00
C ALA C 237 18.64 19.35 -21.50
N ASN C 238 18.42 20.52 -20.93
CA ASN C 238 19.04 21.74 -21.42
C ASN C 238 20.13 22.31 -20.50
N TYR C 239 20.40 21.61 -19.40
CA TYR C 239 21.50 21.99 -18.51
C TYR C 239 22.82 21.39 -19.01
N TYR C 240 23.18 20.20 -18.50
CA TYR C 240 24.25 19.42 -19.12
C TYR C 240 23.73 18.87 -20.44
N ALA C 241 23.66 19.77 -21.42
CA ALA C 241 22.80 19.62 -22.61
C ALA C 241 22.75 18.23 -23.23
N VAL C 242 22.15 17.29 -22.50
CA VAL C 242 21.91 15.96 -23.03
C VAL C 242 20.43 15.84 -23.41
N LYS C 243 20.20 15.43 -24.65
CA LYS C 243 18.85 15.45 -25.23
C LYS C 243 17.90 14.41 -24.63
N VAL C 244 16.63 14.51 -25.01
CA VAL C 244 15.53 13.81 -24.34
C VAL C 244 15.60 12.27 -24.42
N GLU C 245 15.26 11.70 -25.57
CA GLU C 245 15.08 10.25 -25.70
C GLU C 245 16.32 9.44 -25.27
N ASP C 246 17.46 10.12 -25.17
CA ASP C 246 18.71 9.46 -24.76
C ASP C 246 18.70 9.14 -23.26
N ILE C 247 17.96 9.94 -22.49
CA ILE C 247 17.87 9.78 -21.03
C ILE C 247 17.02 8.56 -20.62
N LEU C 248 16.01 8.24 -21.44
CA LEU C 248 15.16 7.07 -21.20
C LEU C 248 15.92 5.77 -21.49
N SER C 249 17.18 5.69 -21.05
CA SER C 249 18.03 4.52 -21.32
C SER C 249 19.18 4.37 -20.31
N ASP C 250 19.54 3.12 -20.01
CA ASP C 250 20.54 2.80 -18.97
C ASP C 250 21.94 2.55 -19.55
N LYS C 251 22.76 3.59 -19.65
CA LYS C 251 24.17 3.40 -19.95
C LYS C 251 24.92 4.73 -19.83
N ASN C 253 27.56 7.25 -19.98
CA ASN C 253 28.16 7.35 -18.65
C ASN C 253 28.21 8.78 -18.14
N LYS C 254 27.58 9.00 -16.98
CA LYS C 254 27.80 10.22 -16.18
C LYS C 254 27.32 11.55 -16.81
N ARG C 255 26.59 11.47 -17.91
CA ARG C 255 25.99 12.66 -18.51
C ARG C 255 24.53 12.44 -18.86
N THR C 256 24.10 11.18 -18.73
CA THR C 256 22.73 10.79 -19.02
C THR C 256 22.25 9.88 -17.90
N SER C 257 23.20 9.15 -17.32
CA SER C 257 22.95 8.30 -16.16
C SER C 257 22.91 9.16 -14.89
N GLU C 258 23.47 10.37 -14.98
CA GLU C 258 23.48 11.32 -13.87
C GLU C 258 22.48 12.46 -14.08
N ALA C 259 22.04 12.62 -15.32
CA ALA C 259 20.96 13.55 -15.63
C ALA C 259 19.60 12.87 -15.48
N ARG C 260 19.59 11.55 -15.60
CA ARG C 260 18.37 10.76 -15.43
C ARG C 260 17.95 10.74 -13.97
N LYS C 261 18.92 10.61 -13.07
CA LYS C 261 18.66 10.56 -11.64
C LYS C 261 17.98 11.82 -11.15
N ILE C 262 18.50 12.96 -11.59
CA ILE C 262 17.97 14.26 -11.19
C ILE C 262 16.53 14.46 -11.67
N ALA C 263 16.28 14.09 -12.93
CA ALA C 263 14.95 14.19 -13.51
C ALA C 263 13.93 13.43 -12.68
N MET C 264 14.29 12.21 -12.30
CA MET C 264 13.47 11.39 -11.41
C MET C 264 13.20 12.11 -10.10
N TYR C 265 14.24 12.73 -9.55
CA TYR C 265 14.16 13.45 -8.28
C TYR C 265 13.08 14.53 -8.31
N LEU C 266 12.99 15.22 -9.45
CA LEU C 266 12.09 16.37 -9.59
C LEU C 266 10.62 15.98 -9.53
N CYS C 267 10.26 14.90 -10.22
CA CYS C 267 8.87 14.44 -10.24
C CYS C 267 8.44 13.87 -8.89
N ARG C 268 9.42 13.61 -8.01
CA ARG C 268 9.12 13.09 -6.69
C ARG C 268 9.02 14.18 -5.63
N LYS C 269 10.00 15.08 -5.63
CA LYS C 269 10.06 16.15 -4.63
C LYS C 269 9.21 17.35 -5.04
N VAL C 270 9.20 17.66 -6.33
CA VAL C 270 8.47 18.82 -6.85
C VAL C 270 7.04 18.46 -7.23
N CYS C 271 6.89 17.75 -8.35
CA CYS C 271 5.58 17.42 -8.87
C CYS C 271 4.87 16.34 -8.04
N SER C 272 5.51 15.93 -6.94
CA SER C 272 4.94 14.95 -6.01
C SER C 272 4.25 13.79 -6.73
N ALA C 273 4.94 13.22 -7.72
CA ALA C 273 4.41 12.08 -8.46
C ALA C 273 4.81 10.77 -7.82
N SER C 274 4.05 9.72 -8.15
CA SER C 274 4.23 8.41 -7.54
C SER C 274 5.41 7.67 -8.15
N LEU C 275 5.97 6.72 -7.40
CA LEU C 275 7.07 5.90 -7.86
C LEU C 275 6.75 5.18 -9.17
N ILE C 276 5.49 4.79 -9.33
CA ILE C 276 5.01 4.17 -10.57
C ILE C 276 5.00 5.18 -11.73
N GLU C 277 4.49 6.37 -11.47
CA GLU C 277 4.39 7.41 -12.49
C GLU C 277 5.77 7.81 -13.04
N ILE C 278 6.76 7.89 -12.15
CA ILE C 278 8.13 8.15 -12.53
C ILE C 278 8.61 7.06 -13.48
N ALA C 279 8.26 5.82 -13.16
CA ALA C 279 8.78 4.65 -13.87
C ALA C 279 8.25 4.50 -15.30
N ARG C 280 7.34 5.38 -15.70
CA ARG C 280 6.91 5.43 -17.09
C ARG C 280 7.76 6.42 -17.90
N ALA C 281 8.60 7.17 -17.20
CA ALA C 281 9.74 7.83 -17.83
C ALA C 281 10.94 6.91 -17.69
N PHE C 282 10.84 5.75 -18.33
CA PHE C 282 11.76 4.63 -18.06
C PHE C 282 11.32 3.39 -18.84
N ASP C 286 10.01 -1.64 -13.80
CA ASP C 286 10.38 -2.00 -12.44
C ASP C 286 10.51 -0.76 -11.55
N HIS C 287 10.14 -0.92 -10.28
CA HIS C 287 10.20 0.17 -9.30
C HIS C 287 11.62 0.38 -8.77
N THR C 288 12.32 -0.74 -8.52
CA THR C 288 13.62 -0.75 -7.84
C THR C 288 14.55 0.40 -8.26
N THR C 289 14.60 0.66 -9.57
CA THR C 289 15.50 1.67 -10.15
C THR C 289 15.33 3.03 -9.49
N VAL C 290 14.11 3.56 -9.53
CA VAL C 290 13.79 4.90 -9.04
C VAL C 290 14.15 5.08 -7.57
N ILE C 291 13.84 4.06 -6.76
CA ILE C 291 13.96 4.17 -5.30
C ILE C 291 15.39 4.47 -4.82
N HIS C 292 16.34 3.58 -5.15
CA HIS C 292 17.71 3.76 -4.70
C HIS C 292 18.52 4.71 -5.59
N ALA C 293 17.92 5.12 -6.70
CA ALA C 293 18.53 6.14 -7.58
C ALA C 293 18.25 7.55 -7.05
N ILE C 294 17.06 7.75 -6.50
CA ILE C 294 16.72 9.00 -5.83
C ILE C 294 17.30 9.03 -4.41
N ARG C 295 17.52 7.84 -3.85
CA ARG C 295 18.23 7.72 -2.59
C ARG C 295 19.71 8.02 -2.77
N SER C 296 20.28 7.58 -3.90
CA SER C 296 21.69 7.84 -4.22
C SER C 296 21.96 9.31 -4.54
N VAL C 297 20.90 10.03 -4.94
CA VAL C 297 20.94 11.48 -5.08
C VAL C 297 21.15 12.15 -3.71
N GLU C 298 20.54 11.58 -2.68
CA GLU C 298 20.75 12.04 -1.31
C GLU C 298 21.69 11.10 -0.54
N GLU C 299 22.24 10.10 -1.23
CA GLU C 299 23.33 9.27 -0.72
C GLU C 299 24.65 9.94 -1.07
N GLU C 300 24.65 10.69 -2.17
CA GLU C 300 25.76 11.59 -2.52
C GLU C 300 25.40 13.04 -2.19
N LYS C 301 24.59 13.20 -1.16
CA LYS C 301 24.20 14.52 -0.65
C LYS C 301 25.32 15.08 0.22
N LYS C 302 26.23 14.21 0.65
CA LYS C 302 27.31 14.56 1.57
C LYS C 302 28.05 15.82 1.13
N ARG C 305 28.22 18.74 -1.07
CA ARG C 305 28.16 19.69 0.03
C ARG C 305 27.70 21.07 -0.44
N LYS C 306 28.30 21.54 -1.54
CA LYS C 306 27.86 22.76 -2.22
C LYS C 306 27.06 22.38 -3.46
N PHE C 307 27.09 21.09 -3.80
CA PHE C 307 26.25 20.53 -4.85
C PHE C 307 24.80 20.55 -4.39
N LYS C 308 24.60 20.50 -3.08
CA LYS C 308 23.29 20.69 -2.46
C LYS C 308 22.72 22.06 -2.85
N HIS C 309 23.60 23.06 -2.88
CA HIS C 309 23.23 24.41 -3.29
C HIS C 309 22.86 24.48 -4.78
N LEU C 310 23.39 23.56 -5.57
CA LEU C 310 23.11 23.52 -7.00
C LEU C 310 21.79 22.82 -7.31
N VAL C 311 21.49 21.76 -6.57
CA VAL C 311 20.22 21.07 -6.67
C VAL C 311 19.09 21.95 -6.12
N GLY C 312 19.39 22.66 -5.02
CA GLY C 312 18.46 23.62 -4.43
C GLY C 312 18.01 24.70 -5.41
N PHE C 313 18.85 24.97 -6.41
CA PHE C 313 18.53 25.96 -7.44
C PHE C 313 17.45 25.44 -8.41
N LEU C 314 17.62 24.22 -8.89
CA LEU C 314 16.66 23.62 -9.82
C LEU C 314 15.31 23.37 -9.16
N GLU C 315 15.34 23.08 -7.86
CA GLU C 315 14.13 22.99 -7.06
C GLU C 315 13.39 24.33 -7.07
N LYS C 316 14.14 25.41 -6.93
CA LYS C 316 13.60 26.76 -7.03
C LYS C 316 13.08 27.04 -8.45
N GLN C 317 13.80 26.53 -9.45
CA GLN C 317 13.39 26.66 -10.85
C GLN C 317 12.07 25.94 -11.09
N ALA C 318 11.88 24.83 -10.38
CA ALA C 318 10.71 23.98 -10.56
C ALA C 318 9.45 24.59 -9.94
N PHE C 319 9.55 25.06 -8.70
CA PHE C 319 8.42 25.71 -8.01
C PHE C 319 7.99 27.01 -8.70
N ASP C 320 8.94 27.66 -9.37
CA ASP C 320 8.66 28.89 -10.10
C ASP C 320 7.91 28.61 -11.40
N LYS C 321 8.46 27.71 -12.21
CA LYS C 321 7.94 27.44 -13.55
C LYS C 321 6.66 26.61 -13.57
N ILE C 322 6.45 25.79 -12.54
CA ILE C 322 5.33 24.85 -12.52
C ILE C 322 4.24 25.17 -11.48
N CYS C 323 4.64 25.47 -10.25
CA CYS C 323 3.69 25.74 -9.16
C CYS C 323 2.91 27.04 -9.37
N ASP D 1 -1.27 -49.63 -12.69
CA ASP D 1 0.11 -50.12 -12.98
C ASP D 1 1.12 -49.21 -12.30
N PHE D 2 1.13 -47.95 -12.75
CA PHE D 2 2.18 -46.96 -12.44
C PHE D 2 3.46 -47.15 -13.25
N LEU D 3 3.39 -48.03 -14.25
CA LEU D 3 4.52 -48.27 -15.15
C LEU D 3 4.27 -47.63 -16.50
N ASN D 4 4.83 -46.44 -16.69
CA ASN D 4 4.75 -45.73 -17.95
C ASN D 4 5.66 -46.43 -18.95
N PRO D 5 5.07 -47.06 -19.98
CA PRO D 5 5.76 -47.83 -21.02
C PRO D 5 6.84 -47.07 -21.77
N LYS D 6 6.78 -45.76 -21.72
CA LYS D 6 7.74 -44.84 -22.35
C LYS D 6 9.18 -45.21 -21.99
N TYR D 7 9.36 -45.93 -20.86
CA TYR D 7 10.68 -46.33 -20.33
C TYR D 7 11.07 -47.79 -20.73
N THR D 8 12.06 -47.94 -21.65
CA THR D 8 12.58 -49.25 -22.16
C THR D 8 14.11 -49.32 -21.99
N LEU D 9 14.70 -50.49 -21.67
CA LEU D 9 16.17 -50.62 -21.51
C LEU D 9 16.95 -50.22 -22.78
N GLU D 10 16.43 -50.55 -23.98
CA GLU D 10 17.05 -50.01 -25.21
C GLU D 10 16.97 -48.48 -25.09
N ASN D 11 15.77 -48.03 -24.75
CA ASN D 11 15.33 -46.63 -24.52
C ASN D 11 16.26 -45.77 -23.62
N PHE D 12 17.07 -46.45 -22.80
CA PHE D 12 17.97 -45.84 -21.81
C PHE D 12 19.40 -45.79 -22.35
N ILE D 13 20.05 -44.64 -22.25
CA ILE D 13 21.41 -44.46 -22.82
C ILE D 13 22.51 -44.83 -21.83
N VAL D 14 23.47 -45.62 -22.29
CA VAL D 14 24.49 -46.18 -21.40
C VAL D 14 25.86 -45.57 -21.64
N GLY D 15 26.43 -44.98 -20.59
CA GLY D 15 27.83 -44.57 -20.56
C GLY D 15 28.43 -44.98 -19.24
N GLU D 16 29.75 -45.20 -19.20
CA GLU D 16 30.40 -45.76 -18.01
C GLU D 16 30.23 -44.90 -16.75
N GLY D 17 29.16 -44.10 -16.75
CA GLY D 17 28.72 -43.39 -15.57
C GLY D 17 27.44 -44.02 -15.08
N ASN D 18 26.54 -44.29 -16.02
CA ASN D 18 25.37 -45.11 -15.72
C ASN D 18 25.45 -46.53 -16.29
N ARG D 19 26.68 -47.02 -16.51
CA ARG D 19 26.84 -48.36 -17.02
C ARG D 19 26.56 -49.38 -15.91
N LEU D 20 27.45 -49.44 -14.93
CA LEU D 20 27.39 -50.49 -13.89
C LEU D 20 25.96 -50.74 -13.41
N ALA D 21 25.30 -49.68 -12.94
CA ALA D 21 23.91 -49.78 -12.55
C ALA D 21 23.10 -50.52 -13.62
N TYR D 22 23.02 -49.95 -14.82
CA TYR D 22 22.25 -50.52 -15.91
C TYR D 22 22.58 -51.97 -16.15
N GLU D 23 23.86 -52.31 -16.04
CA GLU D 23 24.29 -53.68 -16.22
C GLU D 23 23.67 -54.54 -15.14
N VAL D 24 24.04 -54.29 -13.89
CA VAL D 24 23.54 -55.05 -12.76
C VAL D 24 22.03 -55.28 -12.81
N VAL D 25 21.27 -54.29 -13.30
CA VAL D 25 19.82 -54.44 -13.37
C VAL D 25 19.41 -55.36 -14.51
N LYS D 26 19.98 -55.13 -15.70
CA LYS D 26 19.69 -55.98 -16.84
C LYS D 26 20.16 -57.38 -16.52
N GLU D 27 21.39 -57.45 -16.00
CA GLU D 27 22.02 -58.72 -15.60
C GLU D 27 21.15 -59.50 -14.62
N ALA D 28 20.43 -58.79 -13.76
CA ALA D 28 19.64 -59.42 -12.71
C ALA D 28 18.16 -59.45 -13.03
N LEU D 29 17.83 -59.37 -14.31
CA LEU D 29 16.45 -59.36 -14.73
C LEU D 29 16.16 -60.64 -15.49
N GLU D 30 17.22 -61.27 -15.99
CA GLU D 30 17.11 -62.52 -16.73
C GLU D 30 16.91 -63.67 -15.76
N ASN D 31 17.47 -63.51 -14.56
CA ASN D 31 17.09 -64.32 -13.42
C ASN D 31 16.83 -63.44 -12.20
N LEU D 32 15.55 -63.27 -11.89
CA LEU D 32 15.09 -62.42 -10.79
C LEU D 32 15.34 -63.04 -9.43
N GLY D 33 15.63 -62.20 -8.45
CA GLY D 33 15.85 -62.63 -7.08
C GLY D 33 16.84 -63.77 -6.97
N SER D 34 17.79 -63.82 -7.91
CA SER D 34 18.72 -64.94 -7.98
C SER D 34 20.18 -64.52 -8.09
N LEU D 35 20.49 -63.58 -8.98
CA LEU D 35 21.88 -63.15 -9.19
C LEU D 35 22.38 -62.37 -7.98
N TYR D 36 22.22 -61.06 -8.06
CA TYR D 36 22.46 -60.20 -6.94
C TYR D 36 21.21 -59.37 -6.79
N ASN D 37 20.45 -59.63 -5.74
CA ASN D 37 19.09 -59.15 -5.66
C ASN D 37 18.94 -57.75 -5.08
N PRO D 38 19.26 -57.57 -3.78
CA PRO D 38 18.88 -56.29 -3.17
C PRO D 38 19.63 -55.12 -3.81
N ILE D 39 19.22 -54.74 -5.01
CA ILE D 39 19.90 -53.68 -5.73
C ILE D 39 19.52 -52.30 -5.19
N PHE D 40 20.52 -51.62 -4.64
CA PHE D 40 20.35 -50.26 -4.18
C PHE D 40 21.07 -49.36 -5.16
N ILE D 41 20.32 -48.76 -6.07
CA ILE D 41 20.84 -47.71 -6.95
C ILE D 41 20.69 -46.38 -6.26
N TYR D 42 21.67 -45.50 -6.45
CA TYR D 42 21.56 -44.14 -5.97
C TYR D 42 22.37 -43.20 -6.84
N GLY D 43 22.01 -41.91 -6.80
CA GLY D 43 22.80 -40.90 -7.49
C GLY D 43 22.09 -39.57 -7.57
N SER D 44 22.84 -38.54 -7.96
CA SER D 44 22.34 -37.15 -8.16
C SER D 44 20.91 -37.10 -8.65
N VAL D 45 20.22 -36.01 -8.40
CA VAL D 45 18.85 -35.86 -8.87
C VAL D 45 18.84 -35.64 -10.37
N GLY D 46 17.94 -36.34 -11.07
CA GLY D 46 17.90 -36.37 -12.54
C GLY D 46 18.96 -37.27 -13.15
N THR D 47 19.21 -38.39 -12.51
CA THR D 47 20.28 -39.31 -12.91
C THR D 47 19.75 -40.39 -13.83
N GLY D 48 18.46 -40.65 -13.70
CA GLY D 48 17.79 -41.68 -14.49
C GLY D 48 17.36 -42.84 -13.65
N LYS D 49 17.41 -42.67 -12.33
CA LYS D 49 17.00 -43.75 -11.42
C LYS D 49 15.60 -44.20 -11.79
N THR D 50 14.66 -43.26 -11.82
CA THR D 50 13.27 -43.59 -12.15
C THR D 50 13.18 -44.33 -13.48
N HIS D 51 13.91 -43.84 -14.48
CA HIS D 51 13.95 -44.49 -15.78
C HIS D 51 14.20 -45.98 -15.62
N LEU D 52 15.33 -46.29 -14.99
CA LEU D 52 15.81 -47.66 -14.84
C LEU D 52 14.77 -48.57 -14.19
N LEU D 53 14.16 -48.08 -13.12
CA LEU D 53 13.15 -48.84 -12.42
C LEU D 53 11.93 -49.10 -13.31
N GLN D 54 11.35 -48.02 -13.82
CA GLN D 54 10.28 -48.09 -14.81
C GLN D 54 10.61 -49.11 -15.90
N ALA D 55 11.76 -48.94 -16.53
CA ALA D 55 12.26 -49.86 -17.53
C ALA D 55 12.31 -51.29 -16.99
N ALA D 56 12.93 -51.46 -15.83
CA ALA D 56 13.11 -52.78 -15.25
C ALA D 56 11.76 -53.44 -15.05
N GLY D 57 10.86 -52.72 -14.38
CA GLY D 57 9.49 -53.20 -14.17
C GLY D 57 8.85 -53.60 -15.48
N ASN D 58 8.91 -52.69 -16.46
CA ASN D 58 8.26 -52.89 -17.76
C ASN D 58 8.59 -54.24 -18.38
N GLU D 59 9.87 -54.59 -18.37
CA GLU D 59 10.34 -55.87 -18.91
C GLU D 59 9.75 -57.05 -18.15
N ALA D 60 9.77 -56.95 -16.83
CA ALA D 60 9.25 -58.02 -15.99
C ALA D 60 7.72 -58.16 -16.08
N LYS D 61 7.05 -57.12 -16.55
CA LYS D 61 5.62 -57.21 -16.88
C LYS D 61 5.42 -57.42 -18.36
N LYS D 62 6.50 -57.71 -19.07
CA LYS D 62 6.42 -58.18 -20.45
C LYS D 62 6.66 -59.67 -20.47
N ARG D 63 7.52 -60.13 -19.56
CA ARG D 63 7.80 -61.56 -19.39
C ARG D 63 6.76 -62.22 -18.48
N GLY D 64 5.73 -61.47 -18.14
CA GLY D 64 4.58 -62.02 -17.42
C GLY D 64 4.81 -62.29 -15.94
N TYR D 65 5.70 -61.52 -15.32
CA TYR D 65 5.84 -61.56 -13.86
C TYR D 65 4.83 -60.65 -13.18
N ARG D 66 4.81 -60.68 -11.86
CA ARG D 66 3.98 -59.78 -11.10
C ARG D 66 4.80 -58.66 -10.47
N VAL D 67 4.58 -57.44 -10.95
CA VAL D 67 5.46 -56.33 -10.62
C VAL D 67 4.69 -55.21 -9.94
N ILE D 68 5.34 -54.57 -8.96
CA ILE D 68 4.80 -53.37 -8.35
C ILE D 68 5.89 -52.30 -8.27
N TYR D 69 5.57 -51.11 -8.77
CA TYR D 69 6.42 -49.95 -8.59
C TYR D 69 5.70 -48.97 -7.70
N SER D 70 6.43 -48.35 -6.78
CA SER D 70 5.87 -47.30 -5.94
C SER D 70 6.95 -46.38 -5.40
N SER D 71 6.60 -45.10 -5.24
CA SER D 71 7.47 -44.16 -4.57
C SER D 71 7.38 -44.44 -3.08
N ALA D 72 8.45 -44.13 -2.36
CA ALA D 72 8.50 -44.41 -0.92
C ALA D 72 7.49 -43.57 -0.13
N ASP D 73 7.28 -42.34 -0.56
CA ASP D 73 6.30 -41.47 0.07
C ASP D 73 4.89 -41.98 -0.23
N ASP D 74 4.68 -42.51 -1.44
CA ASP D 74 3.38 -43.05 -1.85
C ASP D 74 3.07 -44.39 -1.21
N PHE D 75 4.12 -45.08 -0.77
CA PHE D 75 3.99 -46.33 -0.02
C PHE D 75 3.46 -46.04 1.37
N ALA D 76 4.02 -45.02 2.00
CA ALA D 76 3.52 -44.54 3.27
C ALA D 76 2.06 -44.14 3.13
N GLN D 77 1.80 -43.18 2.24
CA GLN D 77 0.44 -42.71 1.95
C GLN D 77 -0.56 -43.86 1.89
N ALA D 78 -0.26 -44.87 1.07
CA ALA D 78 -1.10 -46.06 0.94
C ALA D 78 -1.21 -46.84 2.24
N MET D 79 -0.07 -47.11 2.88
CA MET D 79 -0.05 -47.86 4.12
C MET D 79 -0.98 -47.26 5.18
N VAL D 80 -1.04 -45.92 5.21
CA VAL D 80 -1.86 -45.23 6.20
C VAL D 80 -3.34 -45.32 5.90
N GLU D 81 -3.72 -45.07 4.64
CA GLU D 81 -5.12 -45.12 4.25
C GLU D 81 -5.71 -46.52 4.44
N HIS D 82 -4.88 -47.53 4.20
CA HIS D 82 -5.28 -48.91 4.40
C HIS D 82 -5.40 -49.18 5.89
N LEU D 83 -4.40 -48.72 6.64
CA LEU D 83 -4.38 -48.84 8.08
C LEU D 83 -5.66 -48.25 8.67
N LYS D 84 -6.12 -47.15 8.06
CA LYS D 84 -7.40 -46.54 8.42
C LYS D 84 -8.57 -47.44 8.00
N LYS D 85 -8.69 -47.69 6.70
CA LYS D 85 -9.75 -48.56 6.18
C LYS D 85 -9.70 -49.98 6.75
N GLY D 86 -8.70 -50.25 7.59
CA GLY D 86 -8.51 -51.55 8.25
C GLY D 86 -8.11 -52.65 7.29
N THR D 87 -7.50 -52.26 6.17
CA THR D 87 -7.17 -53.18 5.10
C THR D 87 -5.67 -53.45 5.00
N ILE D 88 -4.93 -53.23 6.09
CA ILE D 88 -3.49 -53.44 6.10
C ILE D 88 -3.12 -54.87 5.70
N ASN D 89 -3.99 -55.84 6.01
CA ASN D 89 -3.76 -57.24 5.67
C ASN D 89 -3.74 -57.47 4.15
N GLU D 90 -4.76 -57.05 3.42
CA GLU D 90 -4.72 -57.24 1.97
C GLU D 90 -3.64 -56.35 1.34
N PHE D 91 -3.35 -55.22 2.00
CA PHE D 91 -2.30 -54.31 1.53
C PHE D 91 -0.92 -54.96 1.61
N ARG D 92 -0.67 -55.63 2.73
CA ARG D 92 0.60 -56.31 2.96
C ARG D 92 0.78 -57.41 1.94
N ASN D 93 -0.20 -58.32 1.88
CA ASN D 93 -0.14 -59.47 0.99
C ASN D 93 0.02 -59.08 -0.48
N MET D 94 -0.51 -57.91 -0.83
CA MET D 94 -0.34 -57.35 -2.16
C MET D 94 1.14 -57.17 -2.46
N TYR D 95 1.86 -56.51 -1.56
CA TYR D 95 3.30 -56.25 -1.72
C TYR D 95 4.19 -57.48 -1.50
N LYS D 96 3.66 -58.50 -0.83
CA LYS D 96 4.46 -59.68 -0.51
C LYS D 96 4.37 -60.71 -1.61
N SER D 97 3.60 -60.39 -2.64
CA SER D 97 3.27 -61.36 -3.67
C SER D 97 4.00 -61.07 -4.98
N VAL D 98 4.62 -59.90 -5.05
CA VAL D 98 5.22 -59.45 -6.29
C VAL D 98 6.43 -60.29 -6.62
N ASP D 99 6.58 -60.64 -7.90
CA ASP D 99 7.81 -61.25 -8.39
C ASP D 99 8.93 -60.22 -8.32
N LEU D 100 8.56 -58.95 -8.36
CA LEU D 100 9.51 -57.87 -8.55
C LEU D 100 9.02 -56.61 -7.86
N LEU D 101 9.74 -56.18 -6.83
CA LEU D 101 9.41 -54.97 -6.09
C LEU D 101 10.29 -53.81 -6.50
N LEU D 102 9.66 -52.72 -6.92
CA LEU D 102 10.37 -51.52 -7.26
C LEU D 102 9.99 -50.43 -6.28
N LEU D 103 10.96 -49.95 -5.51
CA LEU D 103 10.72 -48.87 -4.58
C LEU D 103 11.61 -47.67 -4.86
N ASP D 104 11.01 -46.64 -5.44
CA ASP D 104 11.75 -45.46 -5.86
C ASP D 104 11.79 -44.39 -4.78
N ASP D 105 12.81 -43.54 -4.84
CA ASP D 105 12.97 -42.41 -3.92
C ASP D 105 12.85 -42.79 -2.45
N VAL D 106 13.69 -43.74 -2.04
CA VAL D 106 13.72 -44.27 -0.68
C VAL D 106 13.98 -43.20 0.36
N GLN D 107 14.45 -42.05 -0.09
CA GLN D 107 14.82 -40.95 0.80
C GLN D 107 13.68 -40.58 1.72
N PHE D 108 12.47 -41.03 1.39
CA PHE D 108 11.26 -40.61 2.11
C PHE D 108 10.77 -41.66 3.08
N LEU D 109 11.65 -42.56 3.48
CA LEU D 109 11.40 -43.43 4.60
C LEU D 109 11.73 -42.73 5.92
N SER D 110 12.65 -41.78 5.86
CA SER D 110 13.15 -41.09 7.05
C SER D 110 12.01 -40.48 7.87
N GLY D 111 12.01 -40.80 9.17
CA GLY D 111 11.11 -40.17 10.14
C GLY D 111 9.76 -40.85 10.29
N LYS D 112 9.57 -41.95 9.57
CA LYS D 112 8.30 -42.66 9.54
C LYS D 112 8.47 -44.05 10.14
N GLU D 113 8.46 -44.15 11.46
CA GLU D 113 8.74 -45.42 12.13
C GLU D 113 7.71 -46.46 11.74
N ARG D 114 6.55 -46.41 12.40
CA ARG D 114 5.43 -47.31 12.12
C ARG D 114 5.08 -47.33 10.63
N THR D 115 5.45 -46.27 9.94
CA THR D 115 5.13 -46.09 8.52
C THR D 115 6.23 -46.70 7.60
N GLN D 116 7.02 -47.60 8.19
CA GLN D 116 8.31 -48.02 7.64
C GLN D 116 8.69 -49.41 8.16
N ILE D 117 8.32 -49.69 9.41
CA ILE D 117 8.41 -51.04 10.00
C ILE D 117 7.71 -52.03 9.08
N GLU D 118 6.55 -51.61 8.57
CA GLU D 118 5.82 -52.37 7.57
C GLU D 118 6.72 -52.86 6.43
N PHE D 119 7.49 -51.95 5.84
CA PHE D 119 8.37 -52.26 4.70
C PHE D 119 9.43 -53.31 5.03
N PHE D 120 10.18 -53.06 6.10
CA PHE D 120 11.15 -54.00 6.65
C PHE D 120 10.61 -55.43 6.64
N HIS D 121 9.30 -55.59 6.85
CA HIS D 121 8.66 -56.89 6.73
C HIS D 121 8.52 -57.36 5.27
N ILE D 122 7.81 -56.60 4.45
CA ILE D 122 7.69 -56.91 3.03
C ILE D 122 9.07 -57.30 2.50
N PHE D 123 10.09 -56.54 2.93
CA PHE D 123 11.48 -56.79 2.53
C PHE D 123 11.93 -58.20 2.89
N ASN D 124 11.91 -58.52 4.18
CA ASN D 124 12.37 -59.79 4.64
C ASN D 124 11.66 -60.91 3.92
N THR D 125 10.33 -60.83 3.87
CA THR D 125 9.50 -61.82 3.16
C THR D 125 9.95 -62.04 1.73
N LEU D 126 9.79 -61.02 0.88
CA LEU D 126 10.16 -61.13 -0.53
C LEU D 126 11.60 -61.61 -0.68
N TYR D 127 12.45 -61.21 0.28
CA TYR D 127 13.86 -61.59 0.19
C TYR D 127 14.07 -63.09 0.41
N LEU D 128 13.40 -63.64 1.41
CA LEU D 128 13.53 -65.05 1.73
C LEU D 128 12.87 -65.95 0.69
N LEU D 129 11.74 -65.51 0.17
CA LEU D 129 11.11 -66.17 -0.96
C LEU D 129 11.86 -65.90 -2.25
N GLU D 130 13.15 -65.57 -2.12
CA GLU D 130 14.01 -65.26 -3.28
C GLU D 130 13.27 -64.56 -4.42
N LYS D 131 12.77 -63.35 -4.15
CA LYS D 131 12.10 -62.53 -5.16
C LYS D 131 12.77 -61.18 -5.32
N GLN D 132 12.69 -60.61 -6.51
CA GLN D 132 13.54 -59.47 -6.90
C GLN D 132 13.13 -58.15 -6.25
N ILE D 133 14.14 -57.41 -5.80
CA ILE D 133 13.95 -56.21 -4.99
C ILE D 133 14.94 -55.09 -5.44
N ILE D 134 14.39 -53.94 -5.84
CA ILE D 134 15.21 -52.83 -6.30
C ILE D 134 14.80 -51.51 -5.66
N LEU D 135 15.71 -50.91 -4.92
CA LEU D 135 15.42 -49.63 -4.31
C LEU D 135 16.22 -48.55 -5.05
N ALA D 136 15.67 -47.34 -5.13
CA ALA D 136 16.39 -46.19 -5.66
C ALA D 136 16.44 -45.05 -4.63
N SER D 137 17.50 -44.23 -4.70
CA SER D 137 17.73 -43.21 -3.66
C SER D 137 18.50 -41.97 -4.16
N ASP D 138 18.31 -40.86 -3.45
CA ASP D 138 19.11 -39.62 -3.66
C ASP D 138 20.49 -39.77 -3.05
N ARG D 139 20.55 -40.35 -1.86
CA ARG D 139 21.80 -40.52 -1.14
C ARG D 139 22.16 -41.97 -0.84
N HIS D 140 23.46 -42.21 -0.77
CA HIS D 140 24.00 -43.48 -0.33
C HIS D 140 23.31 -43.94 0.95
N PRO D 141 23.18 -45.26 1.15
CA PRO D 141 22.57 -45.80 2.36
C PRO D 141 23.10 -45.18 3.67
N GLN D 142 24.43 -45.15 3.84
CA GLN D 142 25.08 -44.60 5.06
C GLN D 142 24.69 -43.14 5.30
N LYS D 143 24.20 -42.47 4.27
CA LYS D 143 23.82 -41.07 4.38
C LYS D 143 22.44 -40.89 5.01
N LEU D 144 21.70 -41.98 5.14
CA LEU D 144 20.29 -41.85 5.54
C LEU D 144 20.06 -41.71 7.04
N ASP D 145 19.92 -40.46 7.49
CA ASP D 145 19.45 -40.17 8.84
C ASP D 145 17.98 -40.49 8.95
N GLY D 146 17.55 -40.89 10.15
CA GLY D 146 16.15 -41.19 10.40
C GLY D 146 15.68 -42.44 9.68
N VAL D 147 16.57 -43.41 9.51
CA VAL D 147 16.20 -44.72 8.97
C VAL D 147 16.73 -45.81 9.89
N SER D 148 15.93 -46.87 10.09
CA SER D 148 16.24 -47.95 11.02
C SER D 148 17.62 -48.52 10.76
N ASP D 149 18.40 -48.68 11.82
CA ASP D 149 19.75 -49.20 11.69
C ASP D 149 19.70 -50.61 11.14
N ARG D 150 18.51 -51.21 11.15
CA ARG D 150 18.27 -52.56 10.61
C ARG D 150 18.05 -52.57 9.10
N LEU D 151 17.30 -51.60 8.60
CA LEU D 151 17.06 -51.47 7.15
C LEU D 151 18.32 -51.09 6.38
N VAL D 152 19.18 -50.27 7.00
CA VAL D 152 20.38 -49.76 6.33
C VAL D 152 21.38 -50.86 6.07
N SER D 153 21.55 -51.73 7.06
CA SER D 153 22.33 -52.94 6.88
C SER D 153 21.83 -53.69 5.67
N ARG D 154 20.53 -53.98 5.68
CA ARG D 154 19.90 -54.66 4.57
C ARG D 154 20.23 -54.01 3.24
N PHE D 155 20.04 -52.70 3.16
CA PHE D 155 20.44 -51.89 1.98
C PHE D 155 21.91 -52.13 1.55
N GLU D 156 22.84 -51.84 2.45
CA GLU D 156 24.25 -51.99 2.18
C GLU D 156 24.60 -53.42 1.83
N GLY D 157 23.81 -54.36 2.35
CA GLY D 157 24.11 -55.79 2.27
C GLY D 157 23.98 -56.39 0.89
N GLY D 158 23.00 -55.93 0.12
CA GLY D 158 22.88 -56.31 -1.27
C GLY D 158 23.95 -55.65 -2.10
N ILE D 159 23.53 -54.96 -3.15
CA ILE D 159 24.43 -54.29 -4.08
C ILE D 159 24.23 -52.77 -4.03
N LEU D 160 25.33 -52.06 -3.87
CA LEU D 160 25.33 -50.62 -4.10
C LEU D 160 25.82 -50.27 -5.49
N VAL D 161 25.08 -49.45 -6.19
CA VAL D 161 25.58 -48.82 -7.40
C VAL D 161 25.28 -47.34 -7.32
N GLU D 162 26.22 -46.54 -7.78
CA GLU D 162 26.01 -45.11 -7.82
C GLU D 162 25.73 -44.75 -9.26
N ILE D 163 25.22 -43.56 -9.49
CA ILE D 163 25.21 -43.01 -10.81
C ILE D 163 25.77 -41.61 -10.74
N GLU D 164 27.06 -41.49 -11.05
CA GLU D 164 27.64 -40.19 -11.32
C GLU D 164 27.68 -40.01 -12.82
N LEU D 165 27.05 -38.95 -13.30
CA LEU D 165 27.15 -38.59 -14.70
C LEU D 165 28.38 -37.71 -14.94
N ASP D 166 29.33 -38.25 -15.69
CA ASP D 166 30.60 -37.56 -15.91
C ASP D 166 30.42 -36.51 -16.98
N ASN D 167 31.20 -36.65 -18.05
CA ASN D 167 31.15 -35.74 -19.18
C ASN D 167 31.03 -36.55 -20.44
N LYS D 168 31.84 -37.61 -20.52
CA LYS D 168 31.76 -38.57 -21.62
C LYS D 168 30.41 -39.26 -21.60
N THR D 169 29.96 -39.59 -20.39
CA THR D 169 28.67 -40.19 -20.19
C THR D 169 27.56 -39.27 -20.68
N ARG D 170 27.72 -37.98 -20.44
CA ARG D 170 26.76 -36.99 -20.91
C ARG D 170 26.83 -36.85 -22.43
N PHE D 171 28.06 -36.79 -22.95
CA PHE D 171 28.29 -36.76 -24.41
C PHE D 171 27.29 -37.69 -25.08
N LYS D 172 27.43 -38.99 -24.79
CA LYS D 172 26.63 -40.05 -25.42
C LYS D 172 25.14 -39.78 -25.30
N ILE D 173 24.72 -39.29 -24.13
CA ILE D 173 23.32 -38.97 -23.91
C ILE D 173 22.85 -37.83 -24.85
N ILE D 174 23.48 -36.67 -24.75
CA ILE D 174 23.16 -35.54 -25.64
C ILE D 174 23.10 -36.02 -27.09
N LYS D 175 24.20 -36.63 -27.55
CA LYS D 175 24.27 -37.21 -28.89
C LYS D 175 22.97 -37.92 -29.28
N GLU D 176 22.54 -38.86 -28.44
CA GLU D 176 21.45 -39.77 -28.80
C GLU D 176 20.06 -39.19 -28.59
N LYS D 177 19.96 -38.14 -27.77
CA LYS D 177 18.71 -37.42 -27.61
C LYS D 177 18.46 -36.57 -28.84
N LEU D 178 19.47 -35.82 -29.26
CA LEU D 178 19.44 -35.12 -30.54
C LEU D 178 19.04 -36.08 -31.64
N LYS D 179 19.70 -37.22 -31.67
CA LYS D 179 19.39 -38.29 -32.62
C LYS D 179 17.95 -38.76 -32.47
N GLU D 180 17.46 -38.78 -31.24
CA GLU D 180 16.11 -39.30 -30.96
C GLU D 180 15.05 -38.43 -31.62
N PHE D 181 15.27 -37.12 -31.61
CA PHE D 181 14.40 -36.20 -32.34
C PHE D 181 14.84 -36.11 -33.80
N ASN D 182 14.21 -35.21 -34.54
CA ASN D 182 14.67 -34.89 -35.88
C ASN D 182 15.58 -33.67 -35.82
N LEU D 183 16.70 -33.82 -35.10
CA LEU D 183 17.70 -32.78 -35.00
C LEU D 183 19.06 -33.25 -35.52
N GLU D 184 19.82 -32.31 -36.08
CA GLU D 184 21.11 -32.61 -36.67
C GLU D 184 22.25 -32.24 -35.70
N LEU D 185 23.30 -33.05 -35.69
CA LEU D 185 24.44 -32.83 -34.80
C LEU D 185 25.32 -31.71 -35.33
N ARG D 186 25.71 -30.78 -34.46
CA ARG D 186 26.74 -29.77 -34.79
C ARG D 186 27.37 -29.12 -33.56
N LYS D 187 28.65 -28.75 -33.69
CA LYS D 187 29.52 -28.40 -32.54
C LYS D 187 28.95 -27.41 -31.52
N GLU D 188 28.58 -26.22 -31.96
CA GLU D 188 28.08 -25.19 -31.05
C GLU D 188 26.92 -25.71 -30.20
N VAL D 189 26.06 -26.51 -30.81
CA VAL D 189 24.84 -27.01 -30.18
C VAL D 189 25.16 -28.04 -29.09
N ILE D 190 25.73 -29.18 -29.52
CA ILE D 190 26.09 -30.26 -28.61
C ILE D 190 27.08 -29.78 -27.54
N ASP D 191 27.94 -28.84 -27.90
CA ASP D 191 28.86 -28.24 -26.95
C ASP D 191 28.18 -27.21 -26.04
N TYR D 192 27.06 -26.67 -26.48
CA TYR D 192 26.33 -25.73 -25.64
C TYR D 192 25.74 -26.45 -24.44
N LEU D 193 25.01 -27.53 -24.72
CA LEU D 193 24.36 -28.30 -23.68
C LEU D 193 25.36 -28.78 -22.64
N LEU D 194 26.63 -28.84 -23.01
CA LEU D 194 27.66 -29.31 -22.09
C LEU D 194 27.82 -28.40 -20.86
N GLU D 195 28.46 -27.26 -21.03
CA GLU D 195 28.68 -26.33 -19.93
C GLU D 195 27.41 -25.55 -19.59
N ASN D 196 26.26 -26.13 -19.89
CA ASN D 196 24.98 -25.48 -19.60
C ASN D 196 23.92 -26.43 -19.02
N THR D 197 24.21 -27.73 -19.04
CA THR D 197 23.32 -28.73 -18.45
C THR D 197 24.09 -29.76 -17.63
N LYS D 198 23.49 -30.22 -16.53
CA LYS D 198 24.09 -31.24 -15.68
C LYS D 198 23.22 -32.51 -15.59
N ASN D 199 21.99 -32.38 -15.09
CA ASN D 199 21.09 -33.52 -15.01
C ASN D 199 20.38 -33.77 -16.32
N VAL D 200 20.09 -35.04 -16.61
CA VAL D 200 19.47 -35.43 -17.88
C VAL D 200 18.18 -34.66 -18.18
N ARG D 201 17.47 -34.25 -17.12
CA ARG D 201 16.27 -33.42 -17.27
C ARG D 201 16.57 -32.10 -17.96
N GLU D 202 17.76 -31.56 -17.71
CA GLU D 202 18.18 -30.32 -18.33
C GLU D 202 18.47 -30.53 -19.80
N ILE D 203 19.19 -31.60 -20.12
CA ILE D 203 19.49 -31.95 -21.51
C ILE D 203 18.24 -31.90 -22.39
N GLU D 204 17.20 -32.64 -22.02
CA GLU D 204 15.98 -32.72 -22.84
C GLU D 204 15.04 -31.56 -22.57
N GLY D 205 15.42 -30.72 -21.61
CA GLY D 205 14.72 -29.47 -21.36
C GLY D 205 15.10 -28.48 -22.44
N LYS D 206 16.39 -28.43 -22.75
CA LYS D 206 16.87 -27.60 -23.83
C LYS D 206 16.36 -28.15 -25.18
N ILE D 207 16.65 -29.42 -25.45
CA ILE D 207 16.33 -30.05 -26.75
C ILE D 207 14.86 -29.86 -27.14
N LYS D 208 13.97 -29.89 -26.15
CA LYS D 208 12.57 -29.62 -26.40
C LYS D 208 12.37 -28.14 -26.66
N LEU D 209 13.24 -27.32 -26.05
CA LEU D 209 13.24 -25.88 -26.25
C LEU D 209 13.93 -25.51 -27.57
N ILE D 210 14.91 -26.32 -27.95
CA ILE D 210 15.64 -26.14 -29.20
C ILE D 210 14.79 -26.61 -30.38
N LYS D 211 14.17 -27.78 -30.27
CA LYS D 211 13.23 -28.22 -31.28
C LYS D 211 11.92 -27.44 -31.12
N LEU D 212 12.06 -26.13 -31.04
CA LEU D 212 10.93 -25.22 -30.83
C LEU D 212 11.32 -23.77 -31.11
N LYS D 213 12.42 -23.32 -30.50
CA LYS D 213 12.96 -22.00 -30.82
C LYS D 213 14.45 -21.99 -31.21
N GLY D 214 14.75 -22.69 -32.30
CA GLY D 214 16.09 -22.69 -32.92
C GLY D 214 17.25 -22.91 -31.97
N PHE D 215 18.40 -22.34 -32.31
CA PHE D 215 19.57 -22.36 -31.45
C PHE D 215 20.02 -20.92 -31.22
N GLU D 216 19.84 -20.08 -32.24
CA GLU D 216 19.94 -18.63 -32.10
C GLU D 216 18.70 -18.12 -31.36
N GLY D 217 18.29 -18.84 -30.33
CA GLY D 217 17.21 -18.42 -29.45
C GLY D 217 17.64 -18.52 -28.01
N LEU D 218 18.47 -19.52 -27.72
CA LEU D 218 19.03 -19.72 -26.39
C LEU D 218 20.31 -18.91 -26.21
N GLU D 219 21.03 -18.69 -27.31
CA GLU D 219 22.25 -17.88 -27.31
C GLU D 219 22.06 -16.55 -26.59
N ARG D 220 20.84 -16.03 -26.64
CA ARG D 220 20.48 -14.81 -25.91
C ARG D 220 19.89 -15.14 -24.54
N LYS D 221 18.74 -15.82 -24.54
CA LYS D 221 18.04 -16.17 -23.30
C LYS D 221 18.98 -16.84 -22.29
N GLU D 222 19.61 -17.94 -22.70
CA GLU D 222 20.40 -18.79 -21.82
C GLU D 222 21.84 -18.32 -21.59
N ARG D 223 22.32 -17.39 -22.42
CA ARG D 223 23.71 -16.93 -22.30
C ARG D 223 23.87 -15.42 -22.11
N LYS D 224 22.87 -14.64 -22.52
CA LYS D 224 22.93 -13.20 -22.29
C LYS D 224 22.73 -12.83 -20.83
N GLU D 225 21.82 -13.55 -20.16
CA GLU D 225 21.62 -13.36 -18.73
C GLU D 225 22.90 -13.69 -17.97
N ARG D 226 23.57 -14.74 -18.41
CA ARG D 226 24.80 -15.19 -17.76
C ARG D 226 26.04 -14.56 -18.39
N ASP D 227 25.83 -13.50 -19.17
CA ASP D 227 26.90 -12.61 -19.58
C ASP D 227 26.94 -11.39 -18.65
N LYS D 228 25.79 -11.08 -18.06
CA LYS D 228 25.72 -10.07 -17.02
C LYS D 228 26.31 -10.64 -15.76
N LEU D 229 26.16 -11.95 -15.59
CA LEU D 229 26.78 -12.66 -14.49
C LEU D 229 28.27 -12.86 -14.72
N MET D 230 28.76 -12.43 -15.88
CA MET D 230 30.21 -12.32 -16.10
C MET D 230 30.73 -11.12 -15.32
N GLN D 231 30.10 -10.87 -14.16
CA GLN D 231 30.52 -9.82 -13.25
C GLN D 231 31.82 -10.21 -12.58
N ILE D 232 32.14 -11.50 -12.64
CA ILE D 232 33.41 -12.02 -12.14
C ILE D 232 34.55 -11.69 -13.11
N VAL D 233 34.20 -11.32 -14.35
CA VAL D 233 35.20 -10.89 -15.33
C VAL D 233 35.07 -9.38 -15.65
N GLU D 234 34.31 -8.66 -14.83
CA GLU D 234 34.15 -7.22 -15.03
C GLU D 234 34.58 -6.37 -13.84
N PHE D 235 34.47 -6.90 -12.63
CA PHE D 235 34.79 -6.10 -11.45
C PHE D 235 35.57 -6.82 -10.37
N VAL D 236 35.00 -7.90 -9.84
CA VAL D 236 35.64 -8.64 -8.76
C VAL D 236 36.99 -9.20 -9.23
N ALA D 237 37.10 -9.41 -10.54
CA ALA D 237 38.38 -9.79 -11.15
C ALA D 237 39.31 -8.60 -11.27
N ASN D 238 38.74 -7.43 -11.55
CA ASN D 238 39.51 -6.20 -11.77
C ASN D 238 39.67 -5.35 -10.50
N TYR D 239 39.51 -5.98 -9.34
CA TYR D 239 39.92 -5.38 -8.08
C TYR D 239 41.09 -6.17 -7.49
N TYR D 240 40.92 -6.72 -6.29
CA TYR D 240 41.96 -7.57 -5.72
C TYR D 240 42.28 -8.70 -6.70
N ALA D 241 43.41 -8.57 -7.38
CA ALA D 241 43.75 -9.37 -8.56
C ALA D 241 43.51 -10.87 -8.36
N VAL D 242 42.28 -11.29 -8.61
CA VAL D 242 41.95 -12.71 -8.65
C VAL D 242 41.22 -13.00 -9.97
N LYS D 243 41.86 -13.78 -10.83
CA LYS D 243 41.39 -13.95 -12.20
C LYS D 243 40.18 -14.88 -12.32
N VAL D 244 39.46 -14.72 -13.43
CA VAL D 244 38.18 -15.40 -13.68
C VAL D 244 38.12 -16.84 -13.16
N GLU D 245 38.80 -17.73 -13.87
CA GLU D 245 38.70 -19.18 -13.63
C GLU D 245 39.14 -19.59 -12.22
N ASP D 246 39.94 -18.75 -11.58
CA ASP D 246 40.43 -19.02 -10.23
C ASP D 246 39.30 -19.02 -9.19
N ILE D 247 38.28 -18.18 -9.43
CA ILE D 247 37.10 -18.08 -8.55
C ILE D 247 36.22 -19.33 -8.61
N LEU D 248 36.05 -19.87 -9.82
CA LEU D 248 35.20 -21.04 -10.04
C LEU D 248 35.80 -22.29 -9.41
N SER D 249 37.12 -22.40 -9.47
CA SER D 249 37.84 -23.54 -8.91
C SER D 249 37.96 -23.45 -7.39
N ASP D 250 37.57 -24.52 -6.71
CA ASP D 250 37.47 -24.53 -5.25
C ASP D 250 38.84 -24.57 -4.59
N LYS D 251 39.44 -23.38 -4.42
CA LYS D 251 40.73 -23.25 -3.74
C LYS D 251 40.76 -22.04 -2.83
N ASN D 253 44.82 -20.01 -1.28
CA ASN D 253 44.82 -18.73 -0.59
C ASN D 253 43.43 -18.33 -0.13
N LYS D 254 43.36 -17.41 0.82
CA LYS D 254 42.12 -16.78 1.22
C LYS D 254 41.79 -15.64 0.26
N ARG D 255 42.70 -15.38 -0.68
CA ARG D 255 42.54 -14.32 -1.66
C ARG D 255 41.35 -14.58 -2.59
N THR D 256 41.17 -15.85 -2.96
CA THR D 256 40.06 -16.26 -3.83
C THR D 256 38.76 -16.44 -3.04
N SER D 257 38.87 -17.08 -1.87
CA SER D 257 37.71 -17.33 -1.01
C SER D 257 37.01 -16.04 -0.56
N GLU D 258 37.75 -14.92 -0.58
CA GLU D 258 37.20 -13.62 -0.21
C GLU D 258 36.64 -12.87 -1.41
N ALA D 259 37.01 -13.31 -2.61
CA ALA D 259 36.48 -12.73 -3.84
C ALA D 259 35.07 -13.24 -4.14
N ARG D 260 34.84 -14.53 -3.96
CA ARG D 260 33.52 -15.15 -4.15
C ARG D 260 32.46 -14.47 -3.29
N LYS D 261 32.64 -14.56 -1.98
CA LYS D 261 31.69 -14.00 -1.02
C LYS D 261 31.19 -12.63 -1.46
N ILE D 262 32.09 -11.85 -2.04
CA ILE D 262 31.74 -10.56 -2.62
C ILE D 262 31.02 -10.74 -3.95
N ALA D 263 31.67 -11.44 -4.89
CA ALA D 263 31.11 -11.64 -6.23
C ALA D 263 29.66 -12.10 -6.16
N MET D 264 29.41 -13.09 -5.30
CA MET D 264 28.06 -13.63 -5.11
C MET D 264 27.11 -12.61 -4.51
N TYR D 265 27.61 -11.83 -3.54
CA TYR D 265 26.83 -10.77 -2.90
C TYR D 265 26.21 -9.84 -3.95
N LEU D 266 27.06 -9.33 -4.84
CA LEU D 266 26.66 -8.27 -5.76
C LEU D 266 25.49 -8.67 -6.65
N CYS D 267 25.41 -9.95 -7.01
CA CYS D 267 24.35 -10.42 -7.87
C CYS D 267 23.00 -10.41 -7.15
N ARG D 268 23.03 -10.84 -5.89
CA ARG D 268 21.84 -10.89 -5.06
C ARG D 268 21.22 -9.50 -4.87
N LYS D 269 21.96 -8.58 -4.27
CA LYS D 269 21.42 -7.28 -3.83
C LYS D 269 21.32 -6.23 -4.93
N VAL D 270 22.13 -6.37 -5.97
CA VAL D 270 22.14 -5.40 -7.07
C VAL D 270 21.26 -5.86 -8.24
N CYS D 271 21.65 -6.96 -8.89
CA CYS D 271 20.92 -7.46 -10.04
C CYS D 271 19.79 -8.41 -9.64
N SER D 272 19.59 -8.56 -8.32
CA SER D 272 18.49 -9.35 -7.78
C SER D 272 18.44 -10.79 -8.31
N ALA D 273 19.60 -11.33 -8.65
CA ALA D 273 19.70 -12.70 -9.12
C ALA D 273 19.28 -13.67 -8.02
N SER D 274 18.69 -14.79 -8.42
CA SER D 274 18.18 -15.78 -7.48
C SER D 274 19.28 -16.73 -7.07
N LEU D 275 19.17 -17.25 -5.86
CA LEU D 275 20.17 -18.15 -5.27
C LEU D 275 20.55 -19.29 -6.22
N ILE D 276 19.57 -19.80 -6.96
CA ILE D 276 19.81 -20.79 -8.00
C ILE D 276 20.72 -20.24 -9.09
N GLU D 277 20.38 -19.05 -9.58
CA GLU D 277 21.11 -18.40 -10.67
C GLU D 277 22.58 -18.18 -10.31
N ILE D 278 22.84 -17.78 -9.07
CA ILE D 278 24.20 -17.54 -8.60
C ILE D 278 25.05 -18.80 -8.74
N ALA D 279 24.57 -19.90 -8.16
CA ALA D 279 25.30 -21.16 -8.16
C ALA D 279 25.40 -21.77 -9.56
N ARG D 280 24.33 -21.69 -10.34
CA ARG D 280 24.32 -22.25 -11.69
C ARG D 280 25.28 -21.50 -12.61
N ALA D 281 25.99 -20.52 -12.06
CA ALA D 281 26.89 -19.68 -12.84
C ALA D 281 28.36 -20.10 -12.76
N PHE D 282 28.73 -20.94 -11.78
CA PHE D 282 30.14 -21.34 -11.64
C PHE D 282 30.47 -22.53 -10.74
N LYS D 283 30.18 -22.41 -9.45
CA LYS D 283 30.58 -23.42 -8.48
C LYS D 283 29.35 -24.05 -7.90
N ARG D 284 29.09 -25.31 -8.25
CA ARG D 284 27.82 -25.84 -7.87
C ARG D 284 27.87 -27.13 -7.07
N LYS D 285 27.86 -26.97 -5.76
CA LYS D 285 27.65 -28.07 -4.83
C LYS D 285 26.17 -28.11 -4.49
N ASP D 286 25.70 -27.07 -3.81
CA ASP D 286 24.30 -26.97 -3.38
C ASP D 286 23.85 -25.51 -3.33
N HIS D 287 22.81 -25.25 -2.54
CA HIS D 287 22.41 -23.89 -2.21
C HIS D 287 23.25 -23.37 -1.05
N THR D 288 23.32 -24.17 0.00
CA THR D 288 23.98 -23.79 1.26
C THR D 288 25.21 -22.91 1.05
N THR D 289 26.08 -23.32 0.12
CA THR D 289 27.33 -22.63 -0.17
C THR D 289 27.13 -21.11 -0.25
N VAL D 290 26.54 -20.68 -1.36
CA VAL D 290 26.37 -19.27 -1.71
C VAL D 290 25.74 -18.45 -0.56
N ILE D 291 24.48 -18.76 -0.27
CA ILE D 291 23.66 -18.05 0.70
C ILE D 291 24.28 -17.78 2.07
N HIS D 292 24.65 -18.83 2.83
CA HIS D 292 25.20 -18.54 4.16
C HIS D 292 26.59 -17.92 4.13
N ALA D 293 27.17 -17.83 2.93
CA ALA D 293 28.47 -17.21 2.76
C ALA D 293 28.39 -15.70 2.62
N ILE D 294 27.37 -15.24 1.90
CA ILE D 294 27.08 -13.80 1.77
C ILE D 294 26.51 -13.29 3.08
N ARG D 295 25.85 -14.21 3.78
CA ARG D 295 25.45 -13.99 5.15
C ARG D 295 26.69 -13.81 5.98
N SER D 296 27.68 -14.68 5.79
CA SER D 296 28.96 -14.46 6.45
C SER D 296 29.57 -13.12 6.02
N VAL D 297 28.95 -12.45 5.03
CA VAL D 297 29.39 -11.09 4.57
C VAL D 297 28.98 -9.98 5.54
N GLU D 298 27.72 -9.98 5.97
CA GLU D 298 27.26 -9.01 6.95
C GLU D 298 27.40 -9.49 8.39
N GLU D 299 27.75 -10.76 8.55
CA GLU D 299 28.20 -11.29 9.83
C GLU D 299 29.64 -10.83 10.04
N GLU D 300 30.31 -10.54 8.93
CA GLU D 300 31.60 -9.86 8.96
C GLU D 300 31.43 -8.44 8.43
N LYS D 301 30.29 -7.83 8.76
CA LYS D 301 30.03 -6.43 8.47
C LYS D 301 29.96 -5.64 9.77
N LYS D 302 29.86 -6.36 10.89
CA LYS D 302 29.87 -5.76 12.23
C LYS D 302 31.22 -5.10 12.52
N ARG D 305 33.69 -3.20 9.92
CA ARG D 305 33.47 -1.77 10.12
C ARG D 305 34.20 -0.94 9.06
N LYS D 306 35.38 -1.41 8.67
CA LYS D 306 36.06 -0.89 7.48
C LYS D 306 35.80 -1.81 6.31
N PHE D 307 35.06 -2.89 6.58
CA PHE D 307 34.50 -3.76 5.56
C PHE D 307 33.39 -3.02 4.81
N LYS D 308 32.66 -2.20 5.54
CA LYS D 308 31.45 -1.55 5.05
C LYS D 308 31.70 -0.60 3.88
N HIS D 309 32.65 0.32 4.06
CA HIS D 309 32.89 1.39 3.10
C HIS D 309 33.34 0.88 1.73
N LEU D 310 34.17 -0.15 1.73
CA LEU D 310 34.69 -0.72 0.48
C LEU D 310 33.56 -1.33 -0.37
N VAL D 311 32.58 -1.92 0.30
CA VAL D 311 31.42 -2.53 -0.36
C VAL D 311 30.45 -1.48 -0.90
N GLY D 312 30.17 -0.46 -0.08
CA GLY D 312 29.30 0.63 -0.49
C GLY D 312 29.80 1.36 -1.73
N PHE D 313 31.12 1.34 -1.91
CA PHE D 313 31.77 1.92 -3.10
C PHE D 313 31.62 1.00 -4.30
N LEU D 314 31.58 -0.31 -4.05
CA LEU D 314 31.39 -1.31 -5.09
C LEU D 314 29.95 -1.31 -5.60
N GLU D 315 28.99 -1.25 -4.68
CA GLU D 315 27.57 -1.17 -5.02
C GLU D 315 27.31 0.03 -5.92
N LYS D 316 28.02 1.13 -5.64
CA LYS D 316 27.94 2.36 -6.41
C LYS D 316 28.41 2.12 -7.84
N GLN D 317 29.38 1.22 -8.00
CA GLN D 317 29.94 0.90 -9.30
C GLN D 317 29.01 -0.01 -10.11
N ALA D 318 28.42 -1.00 -9.44
CA ALA D 318 27.55 -1.97 -10.09
C ALA D 318 26.17 -1.39 -10.41
N PHE D 319 25.83 -0.28 -9.78
CA PHE D 319 24.61 0.45 -10.06
C PHE D 319 24.77 1.34 -11.29
N ASP D 320 25.94 1.97 -11.41
CA ASP D 320 26.22 2.87 -12.54
C ASP D 320 26.47 2.12 -13.85
N LYS D 321 27.20 1.00 -13.76
CA LYS D 321 27.55 0.20 -14.94
C LYS D 321 26.32 -0.50 -15.54
N ILE D 322 25.47 -1.07 -14.67
CA ILE D 322 24.37 -1.93 -15.10
C ILE D 322 23.00 -1.24 -15.05
N CYS D 323 22.73 -0.50 -13.97
CA CYS D 323 21.44 0.20 -13.80
C CYS D 323 21.41 1.52 -14.58
#